data_8EL6
#
_entry.id   8EL6
#
_cell.length_a   61.708
_cell.length_b   70.001
_cell.length_c   48.019
_cell.angle_alpha   90.000
_cell.angle_beta   110.312
_cell.angle_gamma   90.000
#
_symmetry.space_group_name_H-M   'P 1 21 1'
#
loop_
_entity.id
_entity.type
_entity.pdbx_description
1 polymer 'Phycoerythrin alpha-1 subunit'
2 polymer 'Phycoerythrin550 beta subunit'
3 polymer 'Phycoerythrin alpha-2 subunit'
4 non-polymer PHYCOERYTHROBILIN
5 non-polymer DiCys-(15,16)-Dihydrobiliverdin
6 water water
#
loop_
_entity_poly.entity_id
_entity_poly.type
_entity_poly.pdbx_seq_one_letter_code
_entity_poly.pdbx_strand_id
1 'polypeptide(L)' AMK(LYZ)DSKAPCVEVFDERDGCKAAGTQKASGDDGFCVKVSMKAIGFNAAEAASVTKNYGIKRFGAKSV A,F
2 'polypeptide(L)'
;MLDAFSKVITSADGKAAYVGGADLQALKKFVSEGNKRMDSVNAIVSNASCIVSDSVSGMVCENPSLIAPNGGVYTNRKMA
ACLRDAEIILRYVSYSLLSGDSSVLEDRCLNGLKETYASLGVPAAGNARTISIMKATVIGFITNNSQQKKLSTPAGDCSA
LASEVGGYFDKVSSALA
;
B,D
3 'polypeptide(L)' AMK(LYZ)DSKAPCVEVFDERDGCKAAGTQKASGDDGFCVKVSMKAIKMNAAEATSVTKNYNTKLL C,E
#
loop_
_chem_comp.id
_chem_comp.type
_chem_comp.name
_chem_comp.formula
AX9 non-polymer DiCys-(15,16)-Dihydrobiliverdin 'C33 H40 N4 O6'
PEB non-polymer PHYCOERYTHROBILIN 'C33 H40 N4 O6'
#
# COMPACT_ATOMS: atom_id res chain seq x y z
N MET A 2 -20.31 -16.87 7.87
CA MET A 2 -18.91 -16.40 7.91
C MET A 2 -17.96 -17.58 8.18
N LYS A 3 -17.16 -17.94 7.15
CA LYS A 3 -16.43 -19.20 7.12
C LYS A 3 -15.08 -19.20 7.85
N LYZ A 4 -14.78 -18.10 8.54
CA LYZ A 4 -13.51 -17.95 9.22
C LYZ A 4 -12.30 -18.23 8.36
O LYZ A 4 -11.27 -18.75 8.80
CB LYZ A 4 -13.37 -18.86 10.47
CG LYZ A 4 -14.65 -18.80 11.29
CD LYZ A 4 -14.66 -19.70 12.54
CE LYZ A 4 -15.52 -19.09 13.68
NZ LYZ A 4 -16.85 -19.61 13.91
OH LYZ A 4 -13.35 -19.95 13.00
HA LYZ A 4 -13.41 -16.85 9.47
HB2 LYZ A 4 -12.50 -18.52 11.09
HB3 LYZ A 4 -13.17 -19.91 10.15
HG2 LYZ A 4 -15.52 -19.10 10.65
HG3 LYZ A 4 -14.83 -17.75 11.64
HD LYZ A 4 -15.08 -20.70 12.24
HE2 LYZ A 4 -15.60 -17.99 13.49
HE3 LYZ A 4 -14.93 -19.22 14.63
HZ1 LYZ A 4 -17.27 -19.24 14.74
HZ2 LYZ A 4 -17.44 -19.39 13.13
HH LYZ A 4 -13.01 -19.12 13.35
N ASP A 5 -12.39 -17.80 7.09
CA ASP A 5 -11.28 -17.97 6.14
C ASP A 5 -10.68 -16.66 5.60
N SER A 6 -11.04 -15.55 6.25
CA SER A 6 -10.55 -14.21 5.92
C SER A 6 -10.83 -13.77 4.49
N LYS A 7 -11.68 -14.46 3.74
CA LYS A 7 -11.92 -14.11 2.35
C LYS A 7 -12.91 -12.96 2.26
N ALA A 8 -12.62 -11.98 1.41
CA ALA A 8 -13.56 -10.88 1.20
C ALA A 8 -13.63 -10.51 -0.26
N PRO A 9 -14.76 -9.93 -0.70
CA PRO A 9 -14.86 -9.54 -2.12
C PRO A 9 -13.96 -8.35 -2.41
N CYS A 10 -12.93 -8.58 -3.21
CA CYS A 10 -12.01 -7.51 -3.59
C CYS A 10 -12.49 -6.96 -4.91
N VAL A 11 -12.96 -5.72 -4.88
CA VAL A 11 -13.52 -5.04 -6.05
C VAL A 11 -12.43 -4.13 -6.61
N GLU A 12 -12.19 -4.25 -7.90
CA GLU A 12 -11.21 -3.42 -8.58
C GLU A 12 -11.91 -2.69 -9.71
N VAL A 13 -11.76 -1.36 -9.74
CA VAL A 13 -12.40 -0.48 -10.73
C VAL A 13 -11.31 -0.03 -11.69
N PHE A 14 -11.54 -0.21 -13.00
CA PHE A 14 -10.57 0.17 -14.02
C PHE A 14 -11.13 1.31 -14.89
N ASP A 15 -10.28 2.29 -15.18
CA ASP A 15 -10.66 3.45 -16.00
C ASP A 15 -9.45 3.71 -16.88
N GLU A 16 -9.52 3.19 -18.12
CA GLU A 16 -8.42 3.14 -19.07
C GLU A 16 -8.84 3.87 -20.34
N ARG A 17 -9.68 4.89 -20.15
CA ARG A 17 -10.18 5.75 -21.20
C ARG A 17 -9.07 6.59 -21.82
N ASP A 18 -7.89 6.60 -21.22
CA ASP A 18 -6.76 7.23 -21.88
C ASP A 18 -6.20 6.37 -23.01
N GLY A 19 -6.65 5.11 -23.12
CA GLY A 19 -6.19 4.21 -24.16
C GLY A 19 -4.98 3.39 -23.80
N CYS A 20 -4.35 3.62 -22.66
CA CYS A 20 -3.16 2.86 -22.30
C CYS A 20 -3.64 1.50 -21.83
N LYS A 21 -3.17 0.43 -22.46
CA LYS A 21 -3.67 -0.91 -22.20
C LYS A 21 -2.53 -1.84 -21.80
N ALA A 22 -2.83 -2.78 -20.91
CA ALA A 22 -1.88 -3.83 -20.58
C ALA A 22 -2.24 -5.03 -21.44
N ALA A 23 -1.25 -5.62 -22.09
CA ALA A 23 -1.51 -6.76 -22.95
C ALA A 23 -2.17 -7.88 -22.17
N GLY A 24 -3.25 -8.42 -22.71
CA GLY A 24 -3.85 -9.59 -22.16
C GLY A 24 -4.87 -9.34 -21.08
N THR A 25 -5.19 -8.07 -20.77
CA THR A 25 -6.08 -7.75 -19.66
C THR A 25 -7.53 -7.48 -20.10
N GLN A 26 -7.87 -7.73 -21.35
CA GLN A 26 -9.24 -7.66 -21.87
C GLN A 26 -9.96 -8.95 -21.48
N LYS A 27 -10.79 -8.85 -20.45
CA LYS A 27 -11.47 -10.00 -19.86
C LYS A 27 -12.99 -9.97 -19.99
N ALA A 28 -13.57 -8.83 -20.37
CA ALA A 28 -15.00 -8.72 -20.59
C ALA A 28 -15.23 -8.01 -21.92
N SER A 29 -16.49 -7.80 -22.26
CA SER A 29 -16.88 -7.12 -23.48
C SER A 29 -17.21 -5.67 -23.19
N GLY A 30 -17.04 -4.82 -24.22
CA GLY A 30 -17.16 -3.38 -24.10
C GLY A 30 -16.02 -2.67 -24.78
N ASP A 31 -16.24 -1.43 -25.17
CA ASP A 31 -15.20 -0.54 -25.67
C ASP A 31 -15.28 0.78 -24.93
N ASP A 32 -15.60 0.70 -23.62
CA ASP A 32 -15.74 1.91 -22.83
C ASP A 32 -14.39 2.40 -22.30
N GLY A 33 -13.48 1.49 -21.97
CA GLY A 33 -12.44 1.81 -21.04
C GLY A 33 -12.82 1.44 -19.62
N PHE A 34 -14.08 1.16 -19.35
CA PHE A 34 -14.55 0.83 -18.01
C PHE A 34 -14.61 -0.68 -17.78
N CYS A 35 -14.19 -1.11 -16.57
CA CYS A 35 -14.40 -2.48 -16.14
C CYS A 35 -14.39 -2.53 -14.61
N VAL A 36 -15.25 -3.38 -14.06
CA VAL A 36 -15.21 -3.74 -12.64
C VAL A 36 -14.91 -5.22 -12.55
N LYS A 37 -13.95 -5.56 -11.70
CA LYS A 37 -13.55 -6.95 -11.46
C LYS A 37 -13.80 -7.26 -9.99
N VAL A 38 -14.36 -8.44 -9.70
CA VAL A 38 -14.61 -8.86 -8.33
C VAL A 38 -14.08 -10.27 -8.14
N SER A 39 -13.24 -10.47 -7.12
CA SER A 39 -12.81 -11.80 -6.72
C SER A 39 -12.82 -11.91 -5.20
N MET A 40 -13.06 -13.14 -4.71
CA MET A 40 -12.86 -13.44 -3.28
C MET A 40 -11.41 -13.81 -2.95
N LYS A 41 -10.78 -13.00 -2.12
CA LYS A 41 -9.39 -13.19 -1.72
C LYS A 41 -9.27 -13.14 -0.20
N ALA A 42 -8.30 -13.86 0.32
CA ALA A 42 -7.97 -13.82 1.74
C ALA A 42 -7.24 -12.52 2.08
N ILE A 43 -7.81 -11.76 2.99
CA ILE A 43 -7.13 -10.59 3.50
C ILE A 43 -6.15 -11.07 4.57
N GLY A 44 -4.87 -10.67 4.45
CA GLY A 44 -3.82 -11.22 5.30
C GLY A 44 -3.46 -10.29 6.46
N PHE A 45 -2.64 -10.81 7.37
CA PHE A 45 -2.09 -10.03 8.45
C PHE A 45 -0.87 -9.25 7.98
N ASN A 46 -0.76 -8.01 8.47
CA ASN A 46 0.28 -7.08 8.06
C ASN A 46 0.99 -6.61 9.31
N ALA A 47 2.04 -7.35 9.72
CA ALA A 47 2.68 -7.03 10.99
C ALA A 47 3.27 -5.62 10.98
N ALA A 48 3.76 -5.16 9.82
CA ALA A 48 4.30 -3.82 9.69
C ALA A 48 3.27 -2.75 10.03
N GLU A 49 2.07 -2.84 9.43
CA GLU A 49 1.05 -1.82 9.70
C GLU A 49 0.58 -1.92 11.15
N ALA A 50 0.48 -3.15 11.65
CA ALA A 50 0.18 -3.34 13.06
C ALA A 50 1.17 -2.60 13.95
N ALA A 51 2.47 -2.80 13.70
CA ALA A 51 3.49 -2.11 14.49
C ALA A 51 3.31 -0.60 14.40
N SER A 52 2.96 -0.12 13.22
CA SER A 52 2.88 1.32 13.01
C SER A 52 1.71 1.91 13.79
N VAL A 53 0.55 1.26 13.70
CA VAL A 53 -0.62 1.76 14.43
C VAL A 53 -0.34 1.74 15.92
N THR A 54 0.34 0.71 16.40
CA THR A 54 0.69 0.62 17.82
C THR A 54 1.51 1.82 18.26
N LYS A 55 2.43 2.25 17.43
CA LYS A 55 3.26 3.39 17.77
C LYS A 55 2.58 4.72 17.53
N ASN A 56 1.76 4.83 16.49
CA ASN A 56 1.46 6.13 15.93
C ASN A 56 0.00 6.47 15.97
N TYR A 57 -0.81 5.67 16.68
CA TYR A 57 -2.26 5.88 16.75
C TYR A 57 -2.64 7.28 17.25
N GLY A 58 -1.87 7.87 18.15
CA GLY A 58 -2.15 9.17 18.71
C GLY A 58 -1.69 10.37 17.89
N ILE A 59 -1.28 10.14 16.64
CA ILE A 59 -0.95 11.24 15.73
C ILE A 59 -2.15 11.40 14.81
N LYS A 60 -2.84 12.53 14.94
CA LYS A 60 -3.96 12.84 14.06
C LYS A 60 -3.40 13.10 12.66
N ARG A 61 -3.85 12.33 11.68
CA ARG A 61 -3.40 12.50 10.31
C ARG A 61 -4.55 12.97 9.42
N PHE A 62 -4.21 13.23 8.16
CA PHE A 62 -5.16 13.57 7.11
C PHE A 62 -6.02 14.78 7.46
N GLY A 63 -5.70 15.50 8.53
CA GLY A 63 -6.61 16.51 9.03
C GLY A 63 -7.94 15.94 9.47
N ALA A 64 -7.91 14.76 10.08
CA ALA A 64 -9.14 14.08 10.44
C ALA A 64 -9.68 14.56 11.80
N ALA B 16 -13.06 -15.49 -10.62
CA ALA B 16 -13.00 -14.02 -10.72
C ALA B 16 -13.98 -13.49 -11.76
N ALA B 17 -14.82 -12.53 -11.39
CA ALA B 17 -15.84 -12.01 -12.29
C ALA B 17 -15.40 -10.66 -12.87
N TYR B 18 -15.80 -10.43 -14.12
CA TYR B 18 -15.48 -9.20 -14.83
C TYR B 18 -16.76 -8.62 -15.38
N VAL B 19 -17.03 -7.36 -15.05
CA VAL B 19 -18.24 -6.68 -15.50
C VAL B 19 -17.82 -5.53 -16.39
N GLY B 20 -18.19 -5.59 -17.66
CA GLY B 20 -17.88 -4.54 -18.61
C GLY B 20 -19.02 -4.35 -19.59
N GLY B 21 -18.83 -3.40 -20.50
CA GLY B 21 -19.83 -3.08 -21.52
C GLY B 21 -21.26 -3.03 -21.01
N ALA B 22 -22.15 -3.80 -21.65
CA ALA B 22 -23.55 -3.82 -21.24
C ALA B 22 -23.73 -4.47 -19.88
N ASP B 23 -22.90 -5.46 -19.58
CA ASP B 23 -22.87 -5.99 -18.21
C ASP B 23 -22.65 -4.85 -17.23
N LEU B 24 -21.67 -3.99 -17.51
CA LEU B 24 -21.40 -2.90 -16.59
C LEU B 24 -22.59 -1.95 -16.48
N GLN B 25 -23.37 -1.80 -17.54
CA GLN B 25 -24.39 -0.75 -17.50
C GLN B 25 -25.72 -1.23 -16.91
N ALA B 26 -25.93 -2.54 -16.80
CA ALA B 26 -26.98 -3.04 -15.91
C ALA B 26 -26.61 -2.88 -14.44
N LEU B 27 -25.32 -2.73 -14.15
CA LEU B 27 -24.87 -2.46 -12.79
C LEU B 27 -25.29 -1.06 -12.36
N LYS B 28 -25.09 -0.08 -13.23
CA LYS B 28 -25.32 1.31 -12.85
C LYS B 28 -26.77 1.73 -13.07
N LYS B 29 -27.43 1.06 -13.98
CA LYS B 29 -28.91 1.15 -14.15
C LYS B 29 -29.43 2.50 -14.65
N PHE B 30 -29.05 3.56 -13.99
CA PHE B 30 -29.46 4.90 -14.39
C PHE B 30 -28.18 5.72 -14.54
N VAL B 31 -28.23 6.73 -15.39
CA VAL B 31 -26.99 7.32 -15.91
C VAL B 31 -26.21 7.99 -14.79
N SER B 32 -26.69 9.15 -14.33
CA SER B 32 -25.90 9.99 -13.42
C SER B 32 -25.53 9.23 -12.16
N GLU B 33 -26.52 8.67 -11.45
CA GLU B 33 -26.22 8.07 -10.14
C GLU B 33 -25.29 6.88 -10.30
N GLY B 34 -25.43 6.12 -11.38
CA GLY B 34 -24.60 4.94 -11.58
C GLY B 34 -23.13 5.28 -11.72
N ASN B 35 -22.82 6.36 -12.45
CA ASN B 35 -21.43 6.81 -12.51
C ASN B 35 -20.93 7.16 -11.12
N LYS B 36 -21.77 7.87 -10.35
CA LYS B 36 -21.32 8.32 -9.04
C LYS B 36 -21.12 7.12 -8.13
N ARG B 37 -21.87 6.05 -8.37
CA ARG B 37 -21.72 4.82 -7.60
C ARG B 37 -20.37 4.20 -7.88
N MET B 38 -20.02 4.09 -9.15
CA MET B 38 -18.74 3.50 -9.51
C MET B 38 -17.60 4.33 -8.91
N ASP B 39 -17.77 5.67 -8.90
CA ASP B 39 -16.78 6.53 -8.28
C ASP B 39 -16.72 6.31 -6.77
N SER B 40 -17.90 6.11 -6.16
CA SER B 40 -17.96 5.89 -4.73
C SER B 40 -17.30 4.56 -4.37
N VAL B 41 -17.58 3.51 -5.14
CA VAL B 41 -16.93 2.23 -4.88
C VAL B 41 -15.43 2.34 -5.11
N ASN B 42 -15.01 3.00 -6.19
CA ASN B 42 -13.58 3.22 -6.43
C ASN B 42 -12.91 3.91 -5.24
N ALA B 43 -13.56 4.91 -4.67
CA ALA B 43 -12.95 5.63 -3.57
C ALA B 43 -12.74 4.76 -2.34
N ILE B 44 -13.62 3.79 -2.09
CA ILE B 44 -13.38 2.91 -0.95
C ILE B 44 -12.16 2.03 -1.22
N VAL B 45 -12.21 1.26 -2.30
CA VAL B 45 -11.16 0.27 -2.50
C VAL B 45 -9.81 0.94 -2.78
N SER B 46 -9.81 2.06 -3.52
CA SER B 46 -8.57 2.79 -3.78
C SER B 46 -7.91 3.38 -2.55
N ASN B 47 -8.65 3.49 -1.43
CA ASN B 47 -8.13 4.01 -0.17
C ASN B 47 -8.35 3.05 0.99
N ALA B 48 -8.63 1.76 0.72
CA ALA B 48 -8.97 0.85 1.81
C ALA B 48 -7.91 0.85 2.91
N SER B 49 -6.63 0.82 2.53
CA SER B 49 -5.58 0.73 3.53
C SER B 49 -5.63 1.89 4.52
N CYS B 50 -5.66 3.14 4.02
CA CYS B 50 -5.63 4.27 4.95
C CYS B 50 -6.96 4.40 5.70
N ILE B 51 -8.08 4.08 5.07
CA ILE B 51 -9.35 4.08 5.78
C ILE B 51 -9.23 3.23 7.03
N VAL B 52 -8.80 2.00 6.83
CA VAL B 52 -8.67 1.03 7.90
C VAL B 52 -7.66 1.52 8.94
N SER B 53 -6.49 1.97 8.50
CA SER B 53 -5.49 2.41 9.47
C SER B 53 -6.00 3.58 10.29
N ASP B 54 -6.73 4.49 9.66
CA ASP B 54 -7.12 5.69 10.41
C ASP B 54 -8.26 5.35 11.35
N SER B 55 -9.11 4.41 10.96
CA SER B 55 -10.24 4.07 11.80
C SER B 55 -9.81 3.26 13.01
N VAL B 56 -8.95 2.27 12.80
CA VAL B 56 -8.41 1.50 13.94
C VAL B 56 -7.53 2.40 14.80
N SER B 57 -6.75 3.31 14.19
CA SER B 57 -5.98 4.27 14.99
C SER B 57 -6.91 5.13 15.84
N GLY B 58 -8.03 5.57 15.27
CA GLY B 58 -8.97 6.40 16.02
C GLY B 58 -9.63 5.67 17.17
N MET B 59 -10.05 4.43 16.94
CA MET B 59 -10.44 3.55 18.02
C MET B 59 -9.52 3.61 19.23
N VAL B 60 -8.23 3.36 19.00
CA VAL B 60 -7.26 3.30 20.08
C VAL B 60 -7.05 4.70 20.62
N CYS B 61 -6.98 5.67 19.73
CA CYS B 61 -6.86 7.08 20.09
C CYS B 61 -7.84 7.48 21.16
N GLU B 62 -9.07 7.00 21.02
CA GLU B 62 -10.13 7.39 21.93
C GLU B 62 -10.14 6.48 23.14
N ASN B 63 -9.64 5.26 23.03
CA ASN B 63 -9.53 4.34 24.15
C ASN B 63 -8.14 3.70 24.14
N PRO B 64 -7.13 4.44 24.60
CA PRO B 64 -5.77 3.86 24.63
C PRO B 64 -5.67 2.59 25.45
N SER B 65 -6.64 2.33 26.31
CA SER B 65 -6.60 1.10 27.09
C SER B 65 -6.75 -0.12 26.19
N LEU B 66 -7.24 0.02 24.97
CA LEU B 66 -7.29 -1.11 24.05
C LEU B 66 -5.91 -1.65 23.72
N ILE B 67 -4.88 -0.88 24.01
CA ILE B 67 -3.50 -1.24 23.67
C ILE B 67 -2.62 -1.46 24.90
N ALA B 68 -3.16 -1.24 26.10
CA ALA B 68 -2.43 -1.68 27.30
C ALA B 68 -2.49 -3.20 27.40
N PRO B 69 -1.73 -3.77 28.33
CA PRO B 69 -1.73 -5.23 28.50
C PRO B 69 -3.10 -5.88 28.51
N ASN B 70 -3.25 -6.89 27.65
CA ASN B 70 -4.44 -7.72 27.44
C ASN B 70 -5.63 -6.94 26.97
N GLY B 71 -5.43 -5.70 26.55
CA GLY B 71 -6.45 -4.98 25.83
C GLY B 71 -6.71 -5.56 24.46
N GLY B 72 -7.77 -5.04 23.82
CA GLY B 72 -8.31 -5.69 22.63
C GLY B 72 -7.32 -5.82 21.48
N VAL B 73 -6.40 -4.86 21.34
CA VAL B 73 -5.48 -4.90 20.23
C VAL B 73 -4.05 -4.81 20.77
N TYR B 74 -3.81 -5.29 22.00
CA TYR B 74 -2.47 -5.46 22.54
C TYR B 74 -1.75 -6.61 21.82
N THR B 75 -0.48 -6.37 21.44
CA THR B 75 0.37 -7.28 20.64
C THR B 75 0.09 -7.15 19.15
N ASN B 76 1.13 -7.29 18.33
CA ASN B 76 0.92 -7.12 16.89
C ASN B 76 -0.09 -8.11 16.35
N ARG B 77 -0.11 -9.34 16.87
CA ARG B 77 -1.06 -10.31 16.34
C ARG B 77 -2.48 -9.76 16.45
N LYS B 78 -2.86 -9.29 17.64
CA LYS B 78 -4.22 -8.81 17.79
C LYS B 78 -4.44 -7.56 16.96
N MET B 79 -3.49 -6.65 16.98
CA MET B 79 -3.68 -5.46 16.18
C MET B 79 -3.80 -5.81 14.72
N ALA B 80 -2.96 -6.75 14.26
CA ALA B 80 -2.97 -7.18 12.88
C ALA B 80 -4.29 -7.82 12.53
N ALA B 81 -4.83 -8.65 13.43
CA ALA B 81 -6.09 -9.33 13.16
C ALA B 81 -7.20 -8.31 13.08
N CYS B 82 -7.11 -7.25 13.87
CA CYS B 82 -8.15 -6.23 13.87
C CYS B 82 -8.12 -5.43 12.57
N LEU B 83 -6.93 -4.97 12.19
CA LEU B 83 -6.80 -4.28 10.92
C LEU B 83 -7.25 -5.15 9.78
N ARG B 84 -6.91 -6.44 9.83
CA ARG B 84 -7.42 -7.37 8.83
C ARG B 84 -8.93 -7.35 8.80
N ASP B 85 -9.57 -7.57 9.97
CA ASP B 85 -11.03 -7.59 10.03
C ASP B 85 -11.63 -6.29 9.53
N ALA B 86 -11.03 -5.16 9.89
CA ALA B 86 -11.60 -3.90 9.47
C ALA B 86 -11.64 -3.82 7.96
N GLU B 87 -10.56 -4.25 7.29
CA GLU B 87 -10.55 -4.26 5.83
C GLU B 87 -11.54 -5.26 5.26
N ILE B 88 -11.63 -6.46 5.85
CA ILE B 88 -12.64 -7.44 5.42
C ILE B 88 -14.00 -6.77 5.39
N ILE B 89 -14.38 -6.16 6.51
CA ILE B 89 -15.69 -5.50 6.62
C ILE B 89 -15.80 -4.37 5.59
N LEU B 90 -14.82 -3.49 5.57
CA LEU B 90 -14.82 -2.41 4.58
C LEU B 90 -15.07 -2.93 3.17
N ARG B 91 -14.44 -4.05 2.83
CA ARG B 91 -14.57 -4.59 1.49
C ARG B 91 -15.93 -5.18 1.21
N TYR B 92 -16.53 -5.92 2.18
CA TYR B 92 -17.93 -6.35 2.01
C TYR B 92 -18.85 -5.13 1.84
N VAL B 93 -18.56 -4.02 2.55
CA VAL B 93 -19.37 -2.81 2.37
C VAL B 93 -19.18 -2.25 0.97
N SER B 94 -17.95 -2.27 0.46
CA SER B 94 -17.74 -1.78 -0.90
C SER B 94 -18.52 -2.60 -1.92
N TYR B 95 -18.69 -3.89 -1.63
CA TYR B 95 -19.38 -4.78 -2.57
C TYR B 95 -20.88 -4.55 -2.54
N SER B 96 -21.40 -4.27 -1.35
CA SER B 96 -22.81 -3.92 -1.22
C SER B 96 -23.11 -2.63 -1.98
N LEU B 97 -22.22 -1.65 -1.87
CA LEU B 97 -22.43 -0.39 -2.58
C LEU B 97 -22.29 -0.59 -4.08
N LEU B 98 -21.40 -1.49 -4.52
CA LEU B 98 -21.36 -1.80 -5.94
C LEU B 98 -22.68 -2.42 -6.40
N SER B 99 -23.27 -3.31 -5.60
CA SER B 99 -24.40 -4.10 -6.07
C SER B 99 -25.75 -3.62 -5.55
N GLY B 100 -25.77 -2.56 -4.74
CA GLY B 100 -27.00 -2.07 -4.16
C GLY B 100 -27.77 -3.07 -3.30
N ASP B 101 -27.10 -4.03 -2.69
CA ASP B 101 -27.81 -4.85 -1.71
C ASP B 101 -26.79 -5.43 -0.75
N SER B 102 -27.25 -5.72 0.46
CA SER B 102 -26.40 -6.13 1.54
C SER B 102 -26.33 -7.64 1.68
N SER B 103 -26.88 -8.38 0.72
CA SER B 103 -27.11 -9.80 0.97
C SER B 103 -25.79 -10.52 1.19
N VAL B 104 -24.79 -10.28 0.33
CA VAL B 104 -23.49 -10.95 0.49
C VAL B 104 -22.82 -10.55 1.80
N LEU B 105 -22.93 -9.27 2.17
CA LEU B 105 -22.38 -8.83 3.44
C LEU B 105 -23.02 -9.58 4.60
N GLU B 106 -24.32 -9.78 4.53
CA GLU B 106 -25.00 -10.42 5.66
C GLU B 106 -24.61 -11.90 5.77
N ASP B 107 -24.68 -12.63 4.66
CA ASP B 107 -24.58 -14.08 4.74
C ASP B 107 -23.13 -14.54 4.86
N ARG B 108 -22.18 -13.83 4.25
CA ARG B 108 -20.80 -14.27 4.25
C ARG B 108 -19.91 -13.48 5.20
N CYS B 109 -20.33 -12.29 5.62
CA CYS B 109 -19.54 -11.53 6.58
C CYS B 109 -20.18 -11.45 7.97
N LEU B 110 -21.45 -11.04 8.07
CA LEU B 110 -22.03 -10.85 9.39
C LEU B 110 -22.60 -12.14 10.01
N ASN B 111 -23.04 -13.08 9.21
CA ASN B 111 -23.73 -14.24 9.77
C ASN B 111 -22.73 -15.04 10.56
N GLY B 112 -22.97 -15.18 11.85
CA GLY B 112 -22.06 -15.89 12.71
C GLY B 112 -20.94 -15.06 13.28
N LEU B 113 -20.90 -13.78 12.94
CA LEU B 113 -19.71 -12.98 13.24
C LEU B 113 -19.69 -12.53 14.69
N LYS B 114 -20.80 -12.01 15.20
CA LYS B 114 -20.85 -11.57 16.60
C LYS B 114 -20.56 -12.72 17.56
N GLU B 115 -21.12 -13.89 17.30
CA GLU B 115 -20.85 -15.04 18.17
C GLU B 115 -19.36 -15.39 18.12
N THR B 116 -18.76 -15.35 16.93
CA THR B 116 -17.31 -15.60 16.84
C THR B 116 -16.54 -14.58 17.66
N TYR B 117 -16.93 -13.29 17.57
CA TYR B 117 -16.27 -12.28 18.40
C TYR B 117 -16.46 -12.55 19.89
N ALA B 118 -17.67 -12.92 20.28
CA ALA B 118 -17.93 -13.23 21.68
C ALA B 118 -16.93 -14.27 22.21
N SER B 119 -16.77 -15.41 21.52
CA SER B 119 -15.85 -16.42 22.02
C SER B 119 -14.42 -15.91 22.05
N LEU B 120 -14.03 -15.12 21.04
CA LEU B 120 -12.68 -14.62 20.95
C LEU B 120 -12.41 -13.56 22.00
N GLY B 121 -13.42 -12.83 22.44
CA GLY B 121 -13.18 -11.73 23.33
C GLY B 121 -12.79 -10.46 22.63
N VAL B 122 -13.44 -10.16 21.50
CA VAL B 122 -13.22 -8.92 20.78
C VAL B 122 -14.23 -7.91 21.32
N PRO B 123 -13.80 -6.77 21.88
CA PRO B 123 -14.75 -5.90 22.57
C PRO B 123 -15.66 -5.17 21.59
N ALA B 124 -16.96 -5.33 21.79
CA ALA B 124 -17.93 -4.74 20.88
C ALA B 124 -17.76 -3.22 20.74
N ALA B 125 -17.53 -2.51 21.85
CA ALA B 125 -17.44 -1.05 21.79
C ALA B 125 -16.38 -0.62 20.81
N GLY B 126 -15.21 -1.26 20.84
CA GLY B 126 -14.15 -0.92 19.89
C GLY B 126 -14.57 -1.12 18.45
N ASN B 127 -15.24 -2.24 18.18
CA ASN B 127 -15.77 -2.47 16.83
C ASN B 127 -16.68 -1.33 16.43
N ALA B 128 -17.58 -0.92 17.34
CA ALA B 128 -18.53 0.14 17.02
C ALA B 128 -17.80 1.42 16.59
N ARG B 129 -16.70 1.74 17.23
CA ARG B 129 -16.07 3.01 16.90
C ARG B 129 -15.20 2.87 15.63
N THR B 130 -14.59 1.71 15.41
CA THR B 130 -13.92 1.51 14.14
C THR B 130 -14.91 1.64 13.00
N ILE B 131 -16.05 0.96 13.10
CA ILE B 131 -17.07 1.04 12.06
C ILE B 131 -17.52 2.47 11.84
N SER B 132 -17.84 3.17 12.94
N SER B 132 -17.84 3.17 12.94
CA SER B 132 -18.28 4.56 12.85
CA SER B 132 -18.30 4.55 12.84
C SER B 132 -17.26 5.42 12.12
C SER B 132 -17.29 5.46 12.17
N ILE B 133 -15.98 5.31 12.49
CA ILE B 133 -14.97 6.15 11.86
C ILE B 133 -14.79 5.74 10.39
N MET B 134 -14.89 4.44 10.14
CA MET B 134 -14.79 3.94 8.76
C MET B 134 -15.93 4.56 7.94
N LYS B 135 -17.13 4.57 8.51
CA LYS B 135 -18.28 5.20 7.87
C LYS B 135 -17.97 6.65 7.57
N ALA B 136 -17.59 7.39 8.62
CA ALA B 136 -17.34 8.82 8.44
C ALA B 136 -16.27 9.04 7.39
N THR B 137 -15.23 8.22 7.39
CA THR B 137 -14.15 8.46 6.43
C THR B 137 -14.64 8.28 4.99
N VAL B 138 -15.40 7.19 4.75
CA VAL B 138 -15.91 6.91 3.41
C VAL B 138 -16.89 8.00 2.98
N ILE B 139 -17.80 8.40 3.88
CA ILE B 139 -18.70 9.48 3.52
C ILE B 139 -17.90 10.75 3.23
N GLY B 140 -16.79 10.96 3.95
CA GLY B 140 -16.04 12.17 3.76
C GLY B 140 -15.51 12.25 2.35
N PHE B 141 -14.96 11.14 1.86
CA PHE B 141 -14.42 11.09 0.50
C PHE B 141 -15.53 11.36 -0.51
N ILE B 142 -16.72 10.81 -0.24
CA ILE B 142 -17.83 10.90 -1.21
C ILE B 142 -18.46 12.26 -1.21
N THR B 143 -18.35 13.01 -0.12
CA THR B 143 -18.93 14.35 -0.01
C THR B 143 -17.88 15.46 -0.04
N ASN B 144 -16.71 15.17 -0.59
CA ASN B 144 -15.60 16.15 -0.69
C ASN B 144 -15.17 16.75 0.64
N ASN B 145 -15.28 16.02 1.74
CA ASN B 145 -14.81 16.49 3.03
C ASN B 145 -13.45 15.90 3.42
N SER B 146 -12.86 15.09 2.56
CA SER B 146 -11.52 14.55 2.80
C SER B 146 -10.46 15.64 2.53
N GLN B 147 -9.50 15.76 3.44
CA GLN B 147 -8.59 16.90 3.43
C GLN B 147 -7.20 16.60 2.88
N GLN B 148 -6.69 15.38 2.94
N GLN B 148 -6.75 15.35 2.91
CA GLN B 148 -5.38 15.13 2.36
CA GLN B 148 -5.42 14.98 2.46
C GLN B 148 -5.45 14.65 0.91
C GLN B 148 -5.39 14.41 1.04
N LYS B 149 -6.56 14.01 0.50
CA LYS B 149 -6.64 13.43 -0.82
C LYS B 149 -8.06 13.62 -1.33
N LYS B 150 -8.20 14.22 -2.50
CA LYS B 150 -9.49 14.38 -3.16
C LYS B 150 -9.66 13.31 -4.24
N LEU B 151 -10.90 12.91 -4.46
CA LEU B 151 -11.20 12.00 -5.56
C LEU B 151 -11.11 12.75 -6.88
N SER B 152 -10.71 12.03 -7.92
CA SER B 152 -10.57 12.58 -9.26
C SER B 152 -11.87 12.33 -10.00
N THR B 153 -12.89 13.05 -9.57
CA THR B 153 -14.18 12.95 -10.22
C THR B 153 -14.64 14.33 -10.62
N PRO B 154 -15.57 14.42 -11.56
CA PRO B 154 -16.27 15.69 -11.77
C PRO B 154 -16.90 16.15 -10.46
N ALA B 155 -16.82 17.45 -10.21
CA ALA B 155 -17.42 17.97 -8.99
C ALA B 155 -18.94 17.76 -9.05
N GLY B 156 -19.55 17.58 -7.88
CA GLY B 156 -20.98 17.54 -7.79
C GLY B 156 -21.41 16.89 -6.48
N ASP B 157 -22.68 16.52 -6.41
CA ASP B 157 -23.24 16.13 -5.13
C ASP B 157 -23.53 14.64 -5.16
N CYS B 158 -23.01 13.91 -4.16
CA CYS B 158 -23.21 12.47 -4.05
C CYS B 158 -23.90 12.12 -2.73
N SER B 159 -24.73 13.05 -2.24
CA SER B 159 -25.39 12.86 -0.96
C SER B 159 -26.24 11.60 -0.92
N ALA B 160 -26.77 11.14 -2.07
CA ALA B 160 -27.56 9.90 -2.05
C ALA B 160 -26.68 8.68 -1.78
N LEU B 161 -25.55 8.60 -2.49
CA LEU B 161 -24.66 7.45 -2.29
C LEU B 161 -24.01 7.46 -0.92
N ALA B 162 -23.83 8.65 -0.33
CA ALA B 162 -23.40 8.71 1.07
C ALA B 162 -24.45 8.14 2.02
N SER B 163 -25.73 8.45 1.78
CA SER B 163 -26.77 7.86 2.59
C SER B 163 -26.80 6.36 2.45
N GLU B 164 -26.68 5.87 1.23
CA GLU B 164 -26.77 4.42 1.00
C GLU B 164 -25.66 3.69 1.73
N VAL B 165 -24.43 4.12 1.52
CA VAL B 165 -23.30 3.44 2.14
C VAL B 165 -23.30 3.61 3.64
N GLY B 166 -23.83 4.72 4.14
CA GLY B 166 -24.07 4.83 5.57
C GLY B 166 -24.99 3.72 6.07
N GLY B 167 -26.02 3.41 5.27
CA GLY B 167 -26.92 2.33 5.61
C GLY B 167 -26.19 1.01 5.78
N TYR B 168 -25.28 0.67 4.86
CA TYR B 168 -24.57 -0.60 5.01
C TYR B 168 -23.72 -0.59 6.27
N PHE B 169 -23.03 0.52 6.54
CA PHE B 169 -22.22 0.58 7.74
C PHE B 169 -23.08 0.47 9.00
N ASP B 170 -24.26 1.10 8.98
CA ASP B 170 -25.18 1.02 10.10
C ASP B 170 -25.70 -0.40 10.30
N LYS B 171 -25.79 -1.16 9.19
CA LYS B 171 -26.14 -2.58 9.30
C LYS B 171 -25.06 -3.33 10.06
N VAL B 172 -23.82 -3.08 9.70
CA VAL B 172 -22.69 -3.70 10.39
C VAL B 172 -22.69 -3.33 11.87
N SER B 173 -22.87 -2.03 12.15
CA SER B 173 -22.89 -1.55 13.53
C SER B 173 -23.97 -2.26 14.34
N SER B 174 -25.15 -2.34 13.77
CA SER B 174 -26.28 -2.93 14.50
C SER B 174 -25.99 -4.38 14.89
N ALA B 175 -25.22 -5.12 14.11
CA ALA B 175 -24.91 -6.49 14.45
C ALA B 175 -23.70 -6.63 15.37
N LEU B 176 -22.79 -5.66 15.36
CA LEU B 176 -21.50 -5.82 16.00
C LEU B 176 -21.33 -4.99 17.26
N ALA B 177 -22.04 -3.87 17.37
CA ALA B 177 -21.99 -3.07 18.59
C ALA B 177 -22.71 -3.76 19.76
N ALA C 1 24.97 -3.64 -16.06
CA ALA C 1 24.25 -2.54 -16.78
C ALA C 1 22.81 -2.46 -16.32
N MET C 2 22.20 -1.30 -16.51
CA MET C 2 20.76 -1.15 -16.30
C MET C 2 20.03 -1.87 -17.43
N LYS C 3 19.31 -2.92 -17.07
CA LYS C 3 18.80 -3.84 -18.08
C LYS C 3 17.44 -3.47 -18.73
N LYZ C 4 16.82 -2.37 -18.30
CA LYZ C 4 15.59 -1.95 -18.92
C LYZ C 4 14.51 -2.99 -18.71
O LYZ C 4 13.58 -3.17 -19.47
CB LYZ C 4 15.67 -1.72 -20.43
CG LYZ C 4 16.82 -0.77 -20.73
CD LYZ C 4 16.93 -0.36 -22.22
CE LYZ C 4 18.32 0.31 -22.45
NZ LYZ C 4 18.46 1.18 -23.59
OH LYZ C 4 15.84 0.47 -22.60
HA LYZ C 4 15.25 -1.01 -18.40
HB2 LYZ C 4 14.70 -1.29 -20.81
HB3 LYZ C 4 15.83 -2.70 -20.96
HG2 LYZ C 4 17.80 -1.26 -20.45
HG3 LYZ C 4 16.72 0.16 -20.12
HD LYZ C 4 16.80 -1.23 -22.91
HE2 LYZ C 4 19.07 -0.52 -22.56
HE3 LYZ C 4 18.57 0.90 -21.53
HZ1 LYZ C 4 17.76 1.90 -23.59
HZ2 LYZ C 4 19.36 1.63 -23.59
HH LYZ C 4 15.69 0.33 -23.54
N ASP C 5 14.61 -3.68 -17.58
CA ASP C 5 13.68 -4.75 -17.29
C ASP C 5 12.81 -4.47 -16.05
N SER C 6 12.95 -3.27 -15.49
CA SER C 6 12.16 -2.80 -14.35
C SER C 6 12.44 -3.59 -13.07
N LYS C 7 13.49 -4.39 -13.08
CA LYS C 7 13.77 -5.30 -11.99
C LYS C 7 14.55 -4.59 -10.91
N ALA C 8 14.14 -4.80 -9.65
CA ALA C 8 14.75 -4.15 -8.52
C ALA C 8 14.83 -5.14 -7.38
N PRO C 9 15.79 -4.97 -6.47
CA PRO C 9 15.92 -5.91 -5.35
C PRO C 9 14.89 -5.56 -4.29
N CYS C 10 13.97 -6.47 -4.04
CA CYS C 10 12.92 -6.24 -3.07
C CYS C 10 13.34 -6.90 -1.77
N VAL C 11 13.61 -6.07 -0.76
CA VAL C 11 14.10 -6.51 0.53
C VAL C 11 12.96 -6.46 1.53
N GLU C 12 12.84 -7.51 2.35
CA GLU C 12 11.79 -7.65 3.35
C GLU C 12 12.45 -8.04 4.67
N VAL C 13 12.13 -7.29 5.72
CA VAL C 13 12.76 -7.43 7.02
C VAL C 13 11.71 -7.96 7.96
N PHE C 14 12.08 -8.95 8.78
CA PHE C 14 11.15 -9.65 9.67
C PHE C 14 11.72 -9.71 11.07
N ASP C 15 10.89 -9.33 12.03
CA ASP C 15 11.23 -9.32 13.45
C ASP C 15 10.02 -9.96 14.12
N GLU C 16 10.06 -11.26 14.32
CA GLU C 16 8.95 -12.08 14.81
C GLU C 16 9.24 -12.55 16.23
N ARG C 17 9.87 -11.68 17.02
CA ARG C 17 10.28 -12.05 18.35
C ARG C 17 9.13 -12.22 19.32
N ASP C 18 7.93 -11.80 18.95
CA ASP C 18 6.76 -12.07 19.79
C ASP C 18 6.29 -13.52 19.68
N GLY C 19 6.80 -14.28 18.74
CA GLY C 19 6.47 -15.68 18.62
C GLY C 19 5.37 -16.01 17.65
N CYS C 20 4.72 -15.01 17.07
CA CYS C 20 3.62 -15.25 16.17
C CYS C 20 4.20 -15.70 14.84
N LYS C 21 3.76 -16.86 14.38
CA LYS C 21 4.27 -17.48 13.16
C LYS C 21 3.11 -17.66 12.19
N ALA C 22 3.36 -17.37 10.93
CA ALA C 22 2.38 -17.65 9.89
C ALA C 22 2.77 -18.95 9.24
N ALA C 23 1.76 -19.73 8.87
CA ALA C 23 2.02 -21.08 8.42
C ALA C 23 2.76 -21.06 7.08
N GLY C 24 3.84 -21.87 7.00
CA GLY C 24 4.58 -22.04 5.77
C GLY C 24 5.64 -20.99 5.51
N THR C 25 5.81 -20.03 6.41
CA THR C 25 6.77 -18.96 6.16
C THR C 25 8.15 -19.22 6.77
N GLN C 26 8.35 -20.36 7.45
CA GLN C 26 9.70 -20.70 7.93
C GLN C 26 10.49 -21.23 6.73
N LYS C 27 11.31 -20.38 6.13
CA LYS C 27 12.11 -20.71 4.96
C LYS C 27 13.58 -20.84 5.30
N ALA C 28 13.97 -20.73 6.57
CA ALA C 28 15.37 -20.77 6.95
C ALA C 28 15.53 -21.19 8.40
N SER C 29 16.77 -21.52 8.77
CA SER C 29 17.13 -21.99 10.10
C SER C 29 17.30 -20.85 11.10
N GLY C 30 16.67 -20.98 12.26
CA GLY C 30 16.86 -20.02 13.34
C GLY C 30 15.65 -19.91 14.24
N ASP C 31 15.89 -19.51 15.49
CA ASP C 31 14.80 -19.12 16.40
C ASP C 31 15.26 -17.98 17.29
N ASP C 32 15.65 -16.87 16.67
CA ASP C 32 15.68 -15.59 17.36
C ASP C 32 14.55 -14.66 16.88
N GLY C 33 13.77 -15.04 15.87
CA GLY C 33 12.72 -14.20 15.36
C GLY C 33 13.09 -13.33 14.18
N PHE C 34 14.36 -13.28 13.81
CA PHE C 34 14.82 -12.38 12.78
C PHE C 34 14.96 -13.06 11.42
N CYS C 35 14.63 -12.32 10.36
CA CYS C 35 14.91 -12.78 9.01
C CYS C 35 15.00 -11.63 8.03
N VAL C 36 15.73 -11.84 6.95
CA VAL C 36 15.69 -10.92 5.83
C VAL C 36 15.45 -11.71 4.56
N LYS C 37 14.51 -11.24 3.76
CA LYS C 37 14.29 -11.80 2.43
C LYS C 37 14.79 -10.81 1.36
N VAL C 38 15.42 -11.34 0.31
CA VAL C 38 15.83 -10.54 -0.83
C VAL C 38 15.47 -11.31 -2.09
N SER C 39 14.77 -10.64 -2.99
CA SER C 39 14.44 -11.22 -4.28
C SER C 39 14.39 -10.09 -5.28
N MET C 40 14.81 -10.37 -6.51
CA MET C 40 14.61 -9.42 -7.60
C MET C 40 13.17 -9.53 -8.10
N LYS C 41 12.50 -8.40 -8.22
CA LYS C 41 11.17 -8.40 -8.82
C LYS C 41 11.01 -7.21 -9.76
N ALA C 42 10.13 -7.37 -10.73
CA ALA C 42 9.72 -6.22 -11.53
C ALA C 42 8.79 -5.31 -10.75
N ILE C 43 9.01 -4.02 -10.87
CA ILE C 43 8.15 -3.01 -10.29
C ILE C 43 7.15 -2.58 -11.37
N LYS C 44 5.88 -2.63 -11.04
CA LYS C 44 4.81 -2.49 -12.01
C LYS C 44 4.24 -1.09 -12.03
N MET C 45 3.50 -0.80 -13.08
CA MET C 45 2.72 0.42 -13.20
C MET C 45 1.48 0.38 -12.31
N ASN C 46 1.21 1.50 -11.63
CA ASN C 46 0.06 1.64 -10.75
C ASN C 46 -0.83 2.79 -11.22
N ALA C 47 -1.80 2.49 -12.10
CA ALA C 47 -2.67 3.52 -12.63
C ALA C 47 -3.41 4.26 -11.52
N ALA C 48 -3.79 3.56 -10.45
CA ALA C 48 -4.51 4.24 -9.39
C ALA C 48 -3.61 5.26 -8.68
N GLU C 49 -2.39 4.87 -8.36
CA GLU C 49 -1.50 5.78 -7.65
C GLU C 49 -1.15 6.96 -8.53
N ALA C 50 -0.94 6.70 -9.82
CA ALA C 50 -0.68 7.79 -10.74
C ALA C 50 -1.86 8.77 -10.77
N THR C 51 -3.10 8.27 -10.85
CA THR C 51 -4.27 9.15 -10.88
C THR C 51 -4.35 9.99 -9.61
N SER C 52 -3.99 9.39 -8.46
CA SER C 52 -4.03 10.10 -7.18
C SER C 52 -2.98 11.20 -7.13
N VAL C 53 -1.74 10.87 -7.48
CA VAL C 53 -0.69 11.89 -7.48
C VAL C 53 -1.07 13.03 -8.43
N THR C 54 -1.66 12.71 -9.57
CA THR C 54 -2.03 13.73 -10.54
C THR C 54 -3.09 14.69 -10.00
N LYS C 55 -4.00 14.22 -9.13
CA LYS C 55 -5.02 15.11 -8.54
C LYS C 55 -4.57 15.84 -7.29
N ASN C 56 -3.69 15.24 -6.48
CA ASN C 56 -3.40 15.70 -5.13
C ASN C 56 -1.97 16.18 -4.90
N TYR C 57 -1.15 16.27 -5.95
CA TYR C 57 0.26 16.60 -5.74
C TYR C 57 0.43 17.93 -5.01
N ASN C 58 -0.52 18.83 -5.17
CA ASN C 58 -0.47 20.16 -4.55
C ASN C 58 -0.89 20.18 -3.09
N THR C 59 -1.05 19.04 -2.43
CA THR C 59 -1.37 19.05 -1.01
C THR C 59 -0.23 18.38 -0.24
N LYS C 60 0.38 19.12 0.69
CA LYS C 60 1.41 18.54 1.54
C LYS C 60 0.80 17.50 2.48
N LEU C 61 1.66 16.68 3.08
CA LEU C 61 1.20 15.76 4.10
C LEU C 61 0.64 16.52 5.31
N LEU C 62 -0.47 16.03 5.85
CA LEU C 62 -1.12 16.64 7.01
C LEU C 62 -0.88 15.80 8.27
N ALA D 16 15.49 -16.17 -4.66
CA ALA D 16 15.30 -15.45 -3.39
C ALA D 16 16.22 -16.02 -2.31
N ALA D 17 16.97 -15.13 -1.66
CA ALA D 17 17.72 -15.52 -0.47
C ALA D 17 16.90 -15.23 0.77
N TYR D 18 16.88 -16.19 1.70
CA TYR D 18 16.37 -16.02 3.06
C TYR D 18 17.54 -16.10 4.03
N VAL D 19 17.67 -15.09 4.88
CA VAL D 19 18.84 -14.93 5.73
C VAL D 19 18.39 -14.88 7.18
N GLY D 20 18.58 -15.98 7.89
CA GLY D 20 18.25 -16.03 9.29
C GLY D 20 19.30 -16.73 10.13
N GLY D 21 18.95 -17.00 11.38
CA GLY D 21 19.83 -17.67 12.30
C GLY D 21 21.29 -17.31 12.09
N ALA D 22 22.12 -18.32 11.85
CA ALA D 22 23.56 -18.11 11.85
C ALA D 22 24.00 -17.28 10.67
N ASP D 23 23.33 -17.41 9.53
CA ASP D 23 23.69 -16.58 8.39
C ASP D 23 23.42 -15.11 8.67
N LEU D 24 22.33 -14.81 9.40
CA LEU D 24 22.01 -13.41 9.73
C LEU D 24 22.96 -12.87 10.79
N GLN D 25 23.36 -13.70 11.75
CA GLN D 25 24.41 -13.26 12.67
C GLN D 25 25.71 -13.00 11.93
N ALA D 26 26.01 -13.76 10.88
CA ALA D 26 27.18 -13.44 10.06
C ALA D 26 26.96 -12.14 9.28
N LEU D 27 25.79 -11.96 8.65
CA LEU D 27 25.56 -10.75 7.91
C LEU D 27 25.83 -9.53 8.78
N LYS D 28 25.37 -9.59 10.03
CA LYS D 28 25.46 -8.49 10.98
C LYS D 28 26.88 -8.28 11.48
N LYS D 29 27.84 -9.09 11.00
CA LYS D 29 29.24 -8.85 11.29
C LYS D 29 30.01 -8.28 10.10
N PHE D 30 29.66 -8.62 8.87
CA PHE D 30 30.27 -7.95 7.74
C PHE D 30 29.58 -6.67 7.33
N VAL D 31 28.63 -6.19 8.13
CA VAL D 31 28.08 -4.85 8.00
C VAL D 31 28.16 -4.17 9.35
N SER D 32 28.29 -2.86 9.34
CA SER D 32 28.38 -2.13 10.61
C SER D 32 26.98 -1.85 11.16
N GLU D 33 26.89 -1.85 12.48
CA GLU D 33 25.69 -1.55 13.26
C GLU D 33 24.48 -2.40 12.82
N GLY D 34 24.68 -3.70 12.85
CA GLY D 34 23.72 -4.60 12.25
C GLY D 34 22.27 -4.31 12.62
N ASN D 35 21.99 -4.21 13.92
CA ASN D 35 20.60 -4.13 14.29
C ASN D 35 19.99 -2.82 13.84
N LYS D 36 20.70 -1.70 14.06
CA LYS D 36 20.21 -0.41 13.58
C LYS D 36 20.09 -0.41 12.07
N ARG D 37 21.06 -1.02 11.38
CA ARG D 37 21.00 -1.14 9.93
C ARG D 37 19.70 -1.81 9.49
N MET D 38 19.34 -2.93 10.10
CA MET D 38 18.13 -3.61 9.63
C MET D 38 16.90 -2.77 9.89
N ASP D 39 16.86 -2.08 11.04
CA ASP D 39 15.78 -1.15 11.30
C ASP D 39 15.69 -0.08 10.22
N SER D 40 16.84 0.42 9.78
CA SER D 40 16.89 1.43 8.72
C SER D 40 16.34 0.88 7.41
N VAL D 41 16.85 -0.28 6.97
CA VAL D 41 16.30 -0.91 5.77
C VAL D 41 14.80 -1.06 5.88
N ASN D 42 14.32 -1.60 7.01
CA ASN D 42 12.88 -1.79 7.18
C ASN D 42 12.13 -0.48 7.02
N ALA D 43 12.68 0.60 7.58
CA ALA D 43 12.02 1.91 7.48
C ALA D 43 11.84 2.34 6.04
N ILE D 44 12.79 2.02 5.17
CA ILE D 44 12.60 2.36 3.76
C ILE D 44 11.54 1.45 3.12
N VAL D 45 11.78 0.14 3.15
CA VAL D 45 10.89 -0.75 2.44
C VAL D 45 9.49 -0.68 3.02
N SER D 46 9.34 -0.51 4.34
CA SER D 46 7.98 -0.49 4.86
C SER D 46 7.20 0.70 4.31
N ASN D 47 7.89 1.77 3.94
CA ASN D 47 7.21 3.01 3.53
C ASN D 47 7.48 3.35 2.07
N ALA D 48 7.77 2.34 1.26
CA ALA D 48 8.24 2.62 -0.09
C ALA D 48 7.19 3.39 -0.89
N SER D 49 5.90 3.10 -0.68
CA SER D 49 4.91 3.73 -1.57
C SER D 49 4.71 5.20 -1.24
N CYS D 50 4.67 5.54 0.03
CA CYS D 50 4.44 6.93 0.42
C CYS D 50 5.71 7.76 0.23
N ILE D 51 6.89 7.17 0.44
CA ILE D 51 8.12 7.86 0.07
C ILE D 51 8.10 8.26 -1.41
N VAL D 52 7.78 7.31 -2.27
CA VAL D 52 7.76 7.60 -3.71
C VAL D 52 6.65 8.56 -4.04
N SER D 53 5.49 8.37 -3.42
CA SER D 53 4.37 9.24 -3.74
C SER D 53 4.65 10.66 -3.30
N ASP D 54 5.26 10.80 -2.13
CA ASP D 54 5.44 12.14 -1.59
C ASP D 54 6.58 12.85 -2.31
N SER D 55 7.54 12.07 -2.79
CA SER D 55 8.68 12.63 -3.51
C SER D 55 8.29 13.06 -4.93
N VAL D 56 7.61 12.20 -5.65
CA VAL D 56 7.16 12.58 -6.99
C VAL D 56 6.10 13.69 -6.95
N SER D 57 5.23 13.71 -5.91
CA SER D 57 4.29 14.81 -5.74
C SER D 57 5.02 16.13 -5.55
N GLY D 58 6.10 16.09 -4.77
CA GLY D 58 6.85 17.30 -4.50
C GLY D 58 7.64 17.80 -5.70
N MET D 59 8.14 16.90 -6.54
CA MET D 59 8.76 17.40 -7.76
C MET D 59 7.73 18.11 -8.61
N VAL D 60 6.48 17.59 -8.65
CA VAL D 60 5.42 18.25 -9.41
C VAL D 60 5.01 19.58 -8.76
N CYS D 61 4.74 19.59 -7.45
CA CYS D 61 4.16 20.84 -6.94
C CYS D 61 5.17 21.99 -6.92
N GLU D 62 6.46 21.70 -6.97
CA GLU D 62 7.46 22.72 -7.15
C GLU D 62 7.57 23.16 -8.61
N ASN D 63 7.27 22.28 -9.55
CA ASN D 63 7.27 22.64 -10.96
C ASN D 63 6.03 22.05 -11.60
N PRO D 64 4.87 22.67 -11.38
CA PRO D 64 3.63 22.15 -11.96
C PRO D 64 3.63 22.00 -13.47
N SER D 65 4.61 22.55 -14.20
CA SER D 65 4.63 22.35 -15.65
C SER D 65 4.93 20.89 -16.02
N LEU D 66 5.51 20.12 -15.10
CA LEU D 66 5.80 18.73 -15.41
C LEU D 66 4.56 17.93 -15.71
N ILE D 67 3.40 18.37 -15.21
CA ILE D 67 2.14 17.66 -15.37
C ILE D 67 1.16 18.45 -16.24
N ALA D 68 1.62 19.47 -16.92
CA ALA D 68 0.82 20.13 -17.97
C ALA D 68 1.04 19.40 -19.27
N PRO D 69 0.20 19.62 -20.28
CA PRO D 69 0.29 18.79 -21.48
C PRO D 69 1.71 18.59 -22.01
N ASN D 70 2.01 17.34 -22.33
CA ASN D 70 3.29 16.90 -22.86
C ASN D 70 4.47 17.26 -21.95
N GLY D 71 4.20 17.54 -20.68
CA GLY D 71 5.26 17.55 -19.70
C GLY D 71 5.67 16.12 -19.33
N GLY D 72 6.77 16.00 -18.59
CA GLY D 72 7.34 14.71 -18.26
C GLY D 72 6.41 13.73 -17.57
N VAL D 73 5.37 14.20 -16.87
CA VAL D 73 4.52 13.25 -16.15
C VAL D 73 3.03 13.51 -16.38
N TYR D 74 2.71 14.12 -17.54
CA TYR D 74 1.33 14.25 -18.02
C TYR D 74 0.81 12.90 -18.51
N THR D 75 -0.45 12.59 -18.18
CA THR D 75 -1.08 11.28 -18.43
C THR D 75 -0.65 10.18 -17.45
N ASN D 76 -1.60 9.33 -17.07
CA ASN D 76 -1.32 8.33 -16.05
C ASN D 76 -0.16 7.46 -16.46
N ARG D 77 0.04 7.24 -17.76
CA ARG D 77 1.11 6.31 -18.15
C ARG D 77 2.48 6.89 -17.79
N LYS D 78 2.75 8.12 -18.24
CA LYS D 78 4.00 8.77 -17.88
C LYS D 78 4.13 8.91 -16.36
N MET D 79 3.06 9.39 -15.69
CA MET D 79 3.14 9.49 -14.24
C MET D 79 3.43 8.13 -13.62
N ALA D 80 2.81 7.08 -14.15
CA ALA D 80 3.03 5.77 -13.61
C ALA D 80 4.46 5.29 -13.83
N ALA D 81 5.07 5.65 -14.95
CA ALA D 81 6.42 5.18 -15.23
C ALA D 81 7.42 5.85 -14.33
N CYS D 82 7.11 7.10 -13.97
CA CYS D 82 7.89 7.86 -13.04
C CYS D 82 7.84 7.27 -11.65
N LEU D 83 6.62 7.03 -11.16
CA LEU D 83 6.51 6.44 -9.83
C LEU D 83 7.22 5.11 -9.80
N ARG D 84 7.11 4.34 -10.89
CA ARG D 84 7.83 3.08 -10.97
C ARG D 84 9.33 3.32 -10.85
N ASP D 85 9.87 4.23 -11.65
CA ASP D 85 11.31 4.48 -11.65
C ASP D 85 11.78 4.89 -10.24
N ALA D 86 11.06 5.80 -9.59
CA ALA D 86 11.49 6.25 -8.27
C ALA D 86 11.50 5.06 -7.31
N GLU D 87 10.49 4.19 -7.39
CA GLU D 87 10.49 3.03 -6.52
C GLU D 87 11.66 2.10 -6.84
N ILE D 88 11.99 1.95 -8.13
CA ILE D 88 13.13 1.10 -8.48
C ILE D 88 14.39 1.63 -7.83
N ILE D 89 14.66 2.91 -8.06
CA ILE D 89 15.81 3.59 -7.45
C ILE D 89 15.82 3.46 -5.94
N LEU D 90 14.69 3.77 -5.29
CA LEU D 90 14.61 3.64 -3.84
C LEU D 90 14.97 2.23 -3.39
N ARG D 91 14.49 1.21 -4.11
CA ARG D 91 14.77 -0.15 -3.69
C ARG D 91 16.25 -0.48 -3.88
N TYR D 92 16.87 -0.01 -4.97
CA TYR D 92 18.31 -0.24 -5.06
C TYR D 92 19.02 0.45 -3.92
N VAL D 93 18.59 1.68 -3.55
CA VAL D 93 19.23 2.28 -2.38
C VAL D 93 18.97 1.43 -1.13
N SER D 94 17.73 0.96 -0.94
CA SER D 94 17.45 0.11 0.22
C SER D 94 18.38 -1.08 0.27
N TYR D 95 18.69 -1.67 -0.90
CA TYR D 95 19.59 -2.81 -0.92
C TYR D 95 21.01 -2.40 -0.63
N SER D 96 21.40 -1.21 -1.06
CA SER D 96 22.72 -0.68 -0.72
C SER D 96 22.90 -0.57 0.79
N LEU D 97 21.89 -0.02 1.47
CA LEU D 97 21.98 0.12 2.90
C LEU D 97 21.92 -1.23 3.60
N LEU D 98 21.28 -2.23 3.01
CA LEU D 98 21.28 -3.54 3.65
C LEU D 98 22.68 -4.13 3.74
N SER D 99 23.46 -3.99 2.68
CA SER D 99 24.74 -4.67 2.58
C SER D 99 25.93 -3.75 2.88
N GLY D 100 25.69 -2.45 3.07
CA GLY D 100 26.79 -1.53 3.24
C GLY D 100 27.63 -1.35 2.00
N ASP D 101 27.00 -1.42 0.83
CA ASP D 101 27.74 -1.58 -0.41
C ASP D 101 26.79 -1.21 -1.54
N SER D 102 27.29 -0.42 -2.49
CA SER D 102 26.50 0.16 -3.58
C SER D 102 26.85 -0.45 -4.95
N SER D 103 27.64 -1.54 -4.96
N SER D 103 27.63 -1.54 -4.96
CA SER D 103 28.04 -2.13 -6.22
CA SER D 103 28.03 -2.14 -6.22
C SER D 103 26.85 -2.56 -7.06
C SER D 103 26.83 -2.53 -7.06
N VAL D 104 25.82 -3.14 -6.43
CA VAL D 104 24.63 -3.54 -7.16
C VAL D 104 23.92 -2.32 -7.75
N LEU D 105 23.66 -1.31 -6.92
CA LEU D 105 23.03 -0.08 -7.38
C LEU D 105 23.76 0.51 -8.58
N GLU D 106 25.08 0.55 -8.51
CA GLU D 106 25.86 1.12 -9.60
C GLU D 106 25.71 0.29 -10.87
N ASP D 107 25.92 -1.02 -10.73
CA ASP D 107 25.98 -1.91 -11.87
C ASP D 107 24.62 -2.00 -12.57
N ARG D 108 23.56 -2.26 -11.80
CA ARG D 108 22.27 -2.67 -12.34
C ARG D 108 21.21 -1.55 -12.34
N CYS D 109 21.50 -0.41 -11.70
CA CYS D 109 20.64 0.77 -11.80
C CYS D 109 21.29 1.94 -12.52
N LEU D 110 22.49 2.34 -12.09
CA LEU D 110 23.04 3.60 -12.53
C LEU D 110 23.70 3.49 -13.89
N ASN D 111 24.47 2.43 -14.11
CA ASN D 111 25.24 2.33 -15.35
C ASN D 111 24.31 2.41 -16.56
N GLY D 112 24.34 3.52 -17.29
CA GLY D 112 23.58 3.65 -18.52
C GLY D 112 22.24 4.28 -18.35
N LEU D 113 21.87 4.62 -17.13
CA LEU D 113 20.56 5.19 -16.91
C LEU D 113 20.50 6.62 -17.43
N LYS D 114 21.60 7.39 -17.32
CA LYS D 114 21.58 8.74 -17.86
C LYS D 114 21.46 8.72 -19.37
N GLU D 115 22.20 7.82 -20.00
CA GLU D 115 22.07 7.60 -21.42
C GLU D 115 20.62 7.36 -21.80
N THR D 116 19.91 6.49 -21.07
CA THR D 116 18.53 6.24 -21.50
C THR D 116 17.63 7.44 -21.24
N TYR D 117 17.78 8.09 -20.07
CA TYR D 117 16.94 9.23 -19.78
C TYR D 117 17.22 10.41 -20.70
N ALA D 118 18.48 10.60 -21.09
CA ALA D 118 18.80 11.68 -22.00
C ALA D 118 18.18 11.45 -23.37
N SER D 119 18.03 10.19 -23.77
CA SER D 119 17.38 9.89 -25.04
C SER D 119 15.90 10.19 -24.97
N LEU D 120 15.24 9.75 -23.88
CA LEU D 120 13.85 10.10 -23.61
C LEU D 120 13.70 11.53 -23.11
N GLY D 121 14.79 12.19 -22.75
CA GLY D 121 14.74 13.53 -22.19
C GLY D 121 13.91 13.66 -20.94
N VAL D 122 13.70 12.57 -20.20
CA VAL D 122 13.24 12.64 -18.80
C VAL D 122 14.13 13.71 -18.17
N PRO D 123 13.58 14.87 -17.80
CA PRO D 123 14.45 16.00 -17.47
C PRO D 123 15.23 15.77 -16.19
N ALA D 124 16.54 16.00 -16.27
CA ALA D 124 17.41 15.83 -15.11
C ALA D 124 16.98 16.67 -13.91
N ALA D 125 16.29 17.79 -14.14
CA ALA D 125 15.93 18.67 -13.03
C ALA D 125 14.82 18.05 -12.18
N GLY D 126 13.81 17.46 -12.83
CA GLY D 126 12.77 16.79 -12.07
C GLY D 126 13.25 15.53 -11.38
N ASN D 127 14.15 14.79 -12.03
CA ASN D 127 14.77 13.66 -11.35
C ASN D 127 15.53 14.12 -10.12
N ALA D 128 16.45 15.08 -10.30
CA ALA D 128 17.22 15.56 -9.15
C ALA D 128 16.31 15.89 -7.97
N ARG D 129 15.18 16.57 -8.25
CA ARG D 129 14.29 16.96 -7.15
C ARG D 129 13.57 15.74 -6.58
N THR D 130 13.16 14.79 -7.43
CA THR D 130 12.54 13.60 -6.85
C THR D 130 13.55 12.85 -5.98
N ILE D 131 14.80 12.82 -6.42
CA ILE D 131 15.83 12.07 -5.68
C ILE D 131 16.09 12.73 -4.33
N SER D 132 16.20 14.04 -4.34
CA SER D 132 16.50 14.72 -3.08
C SER D 132 15.34 14.62 -2.10
N ILE D 133 14.11 14.58 -2.59
CA ILE D 133 13.00 14.43 -1.65
C ILE D 133 12.97 13.02 -1.08
N MET D 134 13.17 11.99 -1.91
CA MET D 134 13.30 10.65 -1.37
C MET D 134 14.39 10.59 -0.30
N LYS D 135 15.54 11.20 -0.56
CA LYS D 135 16.61 11.15 0.45
C LYS D 135 16.16 11.83 1.74
N ALA D 136 15.60 13.05 1.61
CA ALA D 136 15.13 13.75 2.78
C ALA D 136 14.10 12.91 3.54
N THR D 137 13.19 12.30 2.81
CA THR D 137 12.15 11.46 3.43
C THR D 137 12.76 10.30 4.18
N VAL D 138 13.75 9.65 3.55
CA VAL D 138 14.31 8.46 4.15
C VAL D 138 15.13 8.85 5.37
N ILE D 139 15.88 9.94 5.24
CA ILE D 139 16.68 10.41 6.37
C ILE D 139 15.75 10.82 7.51
N GLY D 140 14.61 11.39 7.17
CA GLY D 140 13.63 11.80 8.19
C GLY D 140 13.10 10.62 8.98
N PHE D 141 12.79 9.51 8.29
CA PHE D 141 12.38 8.28 8.97
C PHE D 141 13.47 7.75 9.88
N ILE D 142 14.69 7.60 9.34
CA ILE D 142 15.81 7.02 10.09
C ILE D 142 16.17 7.84 11.31
N THR D 143 15.96 9.16 11.27
CA THR D 143 16.22 10.01 12.42
C THR D 143 14.96 10.28 13.25
N ASN D 144 13.83 9.70 12.86
CA ASN D 144 12.54 9.91 13.56
C ASN D 144 12.16 11.38 13.60
N ASN D 145 12.56 12.11 12.56
CA ASN D 145 12.06 13.44 12.28
C ASN D 145 10.80 13.39 11.42
N SER D 146 10.43 12.20 10.95
CA SER D 146 9.13 12.04 10.30
C SER D 146 8.01 12.30 11.31
N GLN D 147 6.94 12.92 10.82
CA GLN D 147 5.88 13.46 11.66
C GLN D 147 4.59 12.66 11.63
N GLN D 148 4.19 12.13 10.49
N GLN D 148 4.14 12.12 10.49
CA GLN D 148 2.97 11.32 10.45
CA GLN D 148 2.93 11.30 10.52
C GLN D 148 3.21 9.93 11.03
C GLN D 148 3.24 9.93 11.12
N LYS D 149 4.44 9.40 10.88
CA LYS D 149 4.85 8.11 11.37
C LYS D 149 6.23 8.17 12.01
N LYS D 150 6.36 7.62 13.20
CA LYS D 150 7.67 7.35 13.75
C LYS D 150 7.96 5.85 13.65
N LEU D 151 9.24 5.51 13.76
CA LEU D 151 9.64 4.13 13.77
C LEU D 151 9.46 3.58 15.17
N SER D 152 9.18 2.29 15.25
CA SER D 152 9.07 1.57 16.53
C SER D 152 10.41 0.89 16.79
N THR D 153 11.38 1.71 17.18
CA THR D 153 12.72 1.24 17.42
C THR D 153 13.14 1.72 18.81
N PRO D 154 14.04 1.00 19.45
CA PRO D 154 14.70 1.58 20.64
C PRO D 154 15.36 2.91 20.28
N ALA D 155 15.32 3.85 21.22
CA ALA D 155 15.85 5.17 20.97
C ALA D 155 17.37 5.18 20.95
N GLY D 156 17.93 5.83 19.93
CA GLY D 156 19.37 5.98 19.88
C GLY D 156 19.79 6.82 18.69
N ASP D 157 21.09 6.76 18.40
CA ASP D 157 21.71 7.62 17.39
C ASP D 157 21.87 6.86 16.09
N CYS D 158 21.08 7.23 15.09
CA CYS D 158 21.23 6.58 13.79
C CYS D 158 21.85 7.53 12.76
N SER D 159 22.62 8.52 13.21
CA SER D 159 23.16 9.53 12.29
C SER D 159 24.16 8.93 11.29
N ALA D 160 24.99 7.99 11.73
CA ALA D 160 25.96 7.44 10.78
C ALA D 160 25.27 6.76 9.61
N LEU D 161 24.25 5.98 9.89
CA LEU D 161 23.52 5.32 8.82
C LEU D 161 22.70 6.29 8.00
N ALA D 162 22.14 7.33 8.63
CA ALA D 162 21.46 8.36 7.82
C ALA D 162 22.40 8.96 6.80
N SER D 163 23.65 9.17 7.18
CA SER D 163 24.61 9.80 6.29
C SER D 163 25.04 8.83 5.20
N GLU D 164 25.22 7.56 5.58
CA GLU D 164 25.56 6.52 4.60
C GLU D 164 24.50 6.39 3.52
N VAL D 165 23.24 6.40 3.90
CA VAL D 165 22.19 6.26 2.91
C VAL D 165 22.04 7.52 2.09
N GLY D 166 22.18 8.69 2.71
CA GLY D 166 22.29 9.90 1.92
C GLY D 166 23.38 9.81 0.87
N GLY D 167 24.50 9.19 1.24
CA GLY D 167 25.57 9.01 0.29
C GLY D 167 25.13 8.18 -0.90
N TYR D 168 24.30 7.16 -0.66
CA TYR D 168 23.82 6.35 -1.75
C TYR D 168 22.86 7.13 -2.63
N PHE D 169 21.92 7.89 -2.03
CA PHE D 169 21.14 8.75 -2.89
C PHE D 169 22.06 9.69 -3.70
N ASP D 170 23.16 10.15 -3.11
CA ASP D 170 23.99 11.14 -3.80
C ASP D 170 24.67 10.51 -5.01
N LYS D 171 25.02 9.23 -4.93
CA LYS D 171 25.55 8.58 -6.12
C LYS D 171 24.52 8.59 -7.24
N VAL D 172 23.25 8.48 -6.90
CA VAL D 172 22.19 8.56 -7.90
C VAL D 172 22.14 9.96 -8.51
N SER D 173 22.00 10.96 -7.65
CA SER D 173 22.01 12.33 -8.15
C SER D 173 23.22 12.58 -9.05
N SER D 174 24.40 12.16 -8.59
N SER D 174 24.41 12.20 -8.58
CA SER D 174 25.63 12.45 -9.33
CA SER D 174 25.61 12.47 -9.37
C SER D 174 25.61 11.77 -10.70
C SER D 174 25.53 11.81 -10.74
N ALA D 175 25.07 10.56 -10.79
CA ALA D 175 25.04 9.85 -12.06
C ALA D 175 24.06 10.46 -13.05
N LEU D 176 23.00 11.09 -12.57
CA LEU D 176 22.00 11.60 -13.49
C LEU D 176 22.15 13.08 -13.78
N ALA D 177 23.18 13.72 -13.21
CA ALA D 177 23.25 15.19 -13.20
C ALA D 177 23.87 15.62 -14.49
N MET E 2 -20.31 -16.87 7.87
CA MET E 2 -18.91 -16.40 7.91
C MET E 2 -17.96 -17.58 8.18
N LYS E 3 -17.16 -17.94 7.15
CA LYS E 3 -16.43 -19.20 7.12
C LYS E 3 -15.08 -19.20 7.85
N LYZ E 4 -14.78 -18.10 8.54
CA LYZ E 4 -13.51 -17.95 9.22
C LYZ E 4 -12.30 -18.23 8.36
O LYZ E 4 -11.27 -18.75 8.80
CB LYZ E 4 -13.37 -18.86 10.47
CG LYZ E 4 -14.65 -18.80 11.29
CD LYZ E 4 -14.66 -19.70 12.54
CE LYZ E 4 -15.52 -19.09 13.68
NZ LYZ E 4 -16.85 -19.61 13.91
OH LYZ E 4 -13.35 -19.95 13.00
HA LYZ E 4 -13.41 -16.85 9.47
HB2 LYZ E 4 -12.50 -18.52 11.09
HB3 LYZ E 4 -13.17 -19.91 10.15
HG2 LYZ E 4 -15.52 -19.10 10.65
HG3 LYZ E 4 -14.83 -17.75 11.64
HD LYZ E 4 -15.08 -20.70 12.24
HE2 LYZ E 4 -15.60 -17.99 13.49
HE3 LYZ E 4 -14.93 -19.22 14.63
HZ1 LYZ E 4 -17.27 -19.24 14.74
HZ2 LYZ E 4 -17.44 -19.39 13.13
HH LYZ E 4 -13.01 -19.12 13.35
N ASP E 5 -12.39 -17.80 7.09
CA ASP E 5 -11.28 -17.97 6.14
C ASP E 5 -10.68 -16.66 5.60
N SER E 6 -11.04 -15.55 6.25
CA SER E 6 -10.55 -14.21 5.92
C SER E 6 -10.83 -13.77 4.49
N LYS E 7 -11.68 -14.46 3.74
CA LYS E 7 -11.92 -14.11 2.35
C LYS E 7 -12.91 -12.96 2.26
N ALA E 8 -12.62 -11.98 1.41
CA ALA E 8 -13.56 -10.88 1.20
C ALA E 8 -13.63 -10.51 -0.26
N PRO E 9 -14.76 -9.93 -0.70
CA PRO E 9 -14.86 -9.54 -2.12
C PRO E 9 -13.96 -8.35 -2.41
N CYS E 10 -12.93 -8.58 -3.21
CA CYS E 10 -12.01 -7.51 -3.59
C CYS E 10 -12.49 -6.96 -4.91
N VAL E 11 -12.96 -5.72 -4.88
CA VAL E 11 -13.52 -5.04 -6.05
C VAL E 11 -12.43 -4.13 -6.61
N GLU E 12 -12.19 -4.25 -7.90
CA GLU E 12 -11.21 -3.42 -8.58
C GLU E 12 -11.91 -2.69 -9.71
N VAL E 13 -11.76 -1.36 -9.74
CA VAL E 13 -12.40 -0.48 -10.73
C VAL E 13 -11.31 -0.03 -11.69
N PHE E 14 -11.54 -0.21 -13.00
CA PHE E 14 -10.57 0.17 -14.02
C PHE E 14 -11.13 1.31 -14.89
N ASP E 15 -10.28 2.29 -15.18
CA ASP E 15 -10.66 3.45 -16.00
C ASP E 15 -9.45 3.71 -16.88
N GLU E 16 -9.52 3.19 -18.12
CA GLU E 16 -8.42 3.14 -19.07
C GLU E 16 -8.84 3.87 -20.34
N ARG E 17 -9.68 4.89 -20.15
CA ARG E 17 -10.18 5.75 -21.20
C ARG E 17 -9.07 6.59 -21.82
N ASP E 18 -7.89 6.60 -21.22
CA ASP E 18 -6.76 7.23 -21.88
C ASP E 18 -6.20 6.37 -23.01
N GLY E 19 -6.65 5.11 -23.12
CA GLY E 19 -6.19 4.21 -24.16
C GLY E 19 -4.98 3.39 -23.80
N CYS E 20 -4.35 3.62 -22.66
CA CYS E 20 -3.16 2.86 -22.30
C CYS E 20 -3.64 1.50 -21.83
N LYS E 21 -3.17 0.43 -22.46
CA LYS E 21 -3.67 -0.91 -22.20
C LYS E 21 -2.53 -1.84 -21.80
N ALA E 22 -2.83 -2.78 -20.91
CA ALA E 22 -1.88 -3.83 -20.58
C ALA E 22 -2.24 -5.03 -21.44
N ALA E 23 -1.25 -5.62 -22.09
CA ALA E 23 -1.51 -6.76 -22.95
C ALA E 23 -2.17 -7.88 -22.17
N GLY E 24 -3.25 -8.42 -22.71
CA GLY E 24 -3.85 -9.59 -22.16
C GLY E 24 -4.87 -9.34 -21.08
N THR E 25 -5.19 -8.07 -20.77
CA THR E 25 -6.08 -7.75 -19.66
C THR E 25 -7.53 -7.48 -20.10
N GLN E 26 -7.87 -7.73 -21.35
CA GLN E 26 -9.24 -7.66 -21.87
C GLN E 26 -9.96 -8.95 -21.48
N LYS E 27 -10.79 -8.85 -20.45
CA LYS E 27 -11.47 -10.00 -19.86
C LYS E 27 -12.99 -9.97 -19.99
N ALA E 28 -13.57 -8.83 -20.37
CA ALA E 28 -15.00 -8.72 -20.59
C ALA E 28 -15.23 -8.01 -21.92
N SER E 29 -16.49 -7.80 -22.26
CA SER E 29 -16.88 -7.12 -23.48
C SER E 29 -17.21 -5.67 -23.19
N GLY E 30 -17.04 -4.82 -24.22
CA GLY E 30 -17.16 -3.38 -24.10
C GLY E 30 -16.02 -2.67 -24.78
N ASP E 31 -16.24 -1.43 -25.17
CA ASP E 31 -15.20 -0.54 -25.67
C ASP E 31 -15.28 0.78 -24.93
N ASP E 32 -15.60 0.70 -23.62
CA ASP E 32 -15.74 1.91 -22.83
C ASP E 32 -14.39 2.40 -22.30
N GLY E 33 -13.48 1.49 -21.97
CA GLY E 33 -12.44 1.81 -21.04
C GLY E 33 -12.82 1.44 -19.62
N PHE E 34 -14.08 1.16 -19.35
CA PHE E 34 -14.55 0.83 -18.01
C PHE E 34 -14.61 -0.68 -17.78
N CYS E 35 -14.19 -1.11 -16.57
CA CYS E 35 -14.40 -2.48 -16.14
C CYS E 35 -14.39 -2.53 -14.61
N VAL E 36 -15.25 -3.38 -14.06
CA VAL E 36 -15.21 -3.74 -12.64
C VAL E 36 -14.91 -5.22 -12.55
N LYS E 37 -13.95 -5.56 -11.70
CA LYS E 37 -13.55 -6.95 -11.46
C LYS E 37 -13.80 -7.26 -9.99
N VAL E 38 -14.36 -8.44 -9.70
CA VAL E 38 -14.61 -8.86 -8.33
C VAL E 38 -14.08 -10.27 -8.14
N SER E 39 -13.24 -10.47 -7.12
CA SER E 39 -12.81 -11.80 -6.72
C SER E 39 -12.82 -11.91 -5.20
N MET E 40 -13.06 -13.14 -4.71
CA MET E 40 -12.86 -13.44 -3.28
C MET E 40 -11.41 -13.81 -2.95
N LYS E 41 -10.78 -13.00 -2.12
CA LYS E 41 -9.39 -13.19 -1.72
C LYS E 41 -9.27 -13.14 -0.20
N ALA E 42 -8.30 -13.86 0.32
CA ALA E 42 -7.97 -13.82 1.74
C ALA E 42 -7.24 -12.52 2.08
N ILE E 43 -7.81 -11.76 2.99
CA ILE E 43 -7.13 -10.59 3.50
C ILE E 43 -6.15 -11.07 4.57
N LYS E 44 -4.87 -10.67 4.45
CA LYS E 44 -3.82 -11.22 5.30
C LYS E 44 -3.45 -10.29 6.46
N MET E 45 -2.64 -10.81 7.37
CA MET E 45 -2.09 -10.02 8.46
C MET E 45 -0.87 -9.25 7.98
N ASN E 46 -0.76 -8.01 8.47
CA ASN E 46 0.28 -7.08 8.06
C ASN E 46 0.99 -6.61 9.31
N ALA E 47 2.04 -7.35 9.72
CA ALA E 47 2.68 -7.03 10.99
C ALA E 47 3.27 -5.62 10.98
N ALA E 48 3.76 -5.16 9.82
CA ALA E 48 4.30 -3.82 9.69
C ALA E 48 3.27 -2.75 10.03
N GLU E 49 2.07 -2.84 9.43
CA GLU E 49 1.05 -1.82 9.70
C GLU E 49 0.58 -1.92 11.15
N ALA E 50 0.48 -3.15 11.65
CA ALA E 50 0.18 -3.34 13.06
C ALA E 50 1.17 -2.60 13.95
N THR E 51 2.47 -2.80 13.70
CA THR E 51 3.50 -2.12 14.48
C THR E 51 3.31 -0.60 14.40
N SER E 52 2.96 -0.12 13.22
CA SER E 52 2.88 1.32 13.01
C SER E 52 1.71 1.91 13.79
N VAL E 53 0.55 1.26 13.70
CA VAL E 53 -0.62 1.76 14.43
C VAL E 53 -0.34 1.74 15.92
N THR E 54 0.34 0.71 16.40
CA THR E 54 0.69 0.62 17.82
C THR E 54 1.51 1.82 18.26
N LYS E 55 2.43 2.25 17.43
CA LYS E 55 3.26 3.39 17.77
C LYS E 55 2.58 4.72 17.53
N ASN E 56 1.76 4.83 16.49
CA ASN E 56 1.46 6.13 15.93
C ASN E 56 0.00 6.47 15.97
N TYR E 57 -0.81 5.67 16.68
CA TYR E 57 -2.26 5.88 16.75
C TYR E 57 -2.64 7.28 17.25
N ASN E 58 -1.87 7.87 18.15
CA ASN E 58 -2.16 9.17 18.71
C ASN E 58 -1.69 10.37 17.89
N THR E 59 -1.34 10.15 16.64
CA THR E 59 -1.04 11.24 15.73
C THR E 59 -2.15 11.26 14.69
N LYS E 60 -2.98 12.29 14.73
CA LYS E 60 -4.01 12.42 13.72
C LYS E 60 -3.33 12.56 12.36
N LEU E 61 -4.11 12.45 11.30
CA LEU E 61 -3.60 12.74 9.96
C LEU E 61 -3.26 14.23 9.90
N LEU E 62 -2.00 14.53 9.62
CA LEU E 62 -1.50 15.91 9.64
C LEU E 62 -1.67 16.57 8.28
N ALA F 1 24.97 -3.64 -16.06
CA ALA F 1 24.25 -2.54 -16.78
C ALA F 1 22.81 -2.46 -16.32
N MET F 2 22.20 -1.30 -16.51
CA MET F 2 20.76 -1.15 -16.30
C MET F 2 20.03 -1.87 -17.43
N LYS F 3 19.31 -2.92 -17.07
CA LYS F 3 18.80 -3.84 -18.08
C LYS F 3 17.44 -3.47 -18.73
N LYZ F 4 16.82 -2.37 -18.30
CA LYZ F 4 15.59 -1.95 -18.92
C LYZ F 4 14.51 -2.99 -18.71
O LYZ F 4 13.58 -3.17 -19.47
CB LYZ F 4 15.67 -1.72 -20.43
CG LYZ F 4 16.82 -0.77 -20.73
CD LYZ F 4 16.93 -0.36 -22.22
CE LYZ F 4 18.32 0.31 -22.45
NZ LYZ F 4 18.46 1.18 -23.59
OH LYZ F 4 15.84 0.47 -22.60
HA LYZ F 4 15.25 -1.01 -18.40
HB2 LYZ F 4 14.70 -1.29 -20.81
HB3 LYZ F 4 15.83 -2.70 -20.96
HG2 LYZ F 4 17.80 -1.26 -20.45
HG3 LYZ F 4 16.72 0.16 -20.12
HD LYZ F 4 16.80 -1.23 -22.91
HE2 LYZ F 4 19.07 -0.52 -22.56
HE3 LYZ F 4 18.57 0.90 -21.53
HZ1 LYZ F 4 17.76 1.90 -23.59
HZ2 LYZ F 4 19.36 1.63 -23.59
HH LYZ F 4 15.69 0.33 -23.54
N ASP F 5 14.61 -3.68 -17.58
CA ASP F 5 13.68 -4.75 -17.29
C ASP F 5 12.81 -4.47 -16.05
N SER F 6 12.95 -3.27 -15.49
CA SER F 6 12.16 -2.80 -14.35
C SER F 6 12.44 -3.59 -13.07
N LYS F 7 13.49 -4.39 -13.08
CA LYS F 7 13.77 -5.30 -11.99
C LYS F 7 14.55 -4.59 -10.91
N ALA F 8 14.14 -4.80 -9.65
CA ALA F 8 14.75 -4.15 -8.52
C ALA F 8 14.83 -5.14 -7.38
N PRO F 9 15.79 -4.97 -6.47
CA PRO F 9 15.92 -5.91 -5.35
C PRO F 9 14.89 -5.56 -4.29
N CYS F 10 13.97 -6.47 -4.04
CA CYS F 10 12.92 -6.24 -3.07
C CYS F 10 13.34 -6.90 -1.77
N VAL F 11 13.61 -6.07 -0.76
CA VAL F 11 14.10 -6.51 0.53
C VAL F 11 12.96 -6.46 1.53
N GLU F 12 12.84 -7.51 2.35
CA GLU F 12 11.79 -7.65 3.35
C GLU F 12 12.45 -8.04 4.67
N VAL F 13 12.13 -7.29 5.72
CA VAL F 13 12.76 -7.43 7.02
C VAL F 13 11.71 -7.96 7.96
N PHE F 14 12.08 -8.95 8.78
CA PHE F 14 11.15 -9.65 9.67
C PHE F 14 11.72 -9.71 11.07
N ASP F 15 10.89 -9.33 12.03
CA ASP F 15 11.23 -9.32 13.45
C ASP F 15 10.02 -9.96 14.12
N GLU F 16 10.06 -11.26 14.32
CA GLU F 16 8.95 -12.08 14.81
C GLU F 16 9.24 -12.55 16.23
N ARG F 17 9.87 -11.68 17.02
CA ARG F 17 10.28 -12.05 18.35
C ARG F 17 9.13 -12.22 19.32
N ASP F 18 7.93 -11.80 18.95
CA ASP F 18 6.76 -12.07 19.79
C ASP F 18 6.29 -13.52 19.68
N GLY F 19 6.80 -14.28 18.74
CA GLY F 19 6.47 -15.68 18.62
C GLY F 19 5.37 -16.01 17.65
N CYS F 20 4.72 -15.01 17.07
CA CYS F 20 3.62 -15.25 16.17
C CYS F 20 4.20 -15.70 14.84
N LYS F 21 3.76 -16.86 14.38
CA LYS F 21 4.27 -17.48 13.16
C LYS F 21 3.11 -17.66 12.19
N ALA F 22 3.36 -17.37 10.93
CA ALA F 22 2.38 -17.65 9.89
C ALA F 22 2.77 -18.95 9.24
N ALA F 23 1.76 -19.73 8.87
CA ALA F 23 2.02 -21.08 8.42
C ALA F 23 2.76 -21.06 7.08
N GLY F 24 3.84 -21.87 7.00
CA GLY F 24 4.58 -22.04 5.77
C GLY F 24 5.64 -20.99 5.51
N THR F 25 5.81 -20.03 6.41
CA THR F 25 6.77 -18.96 6.16
C THR F 25 8.15 -19.22 6.77
N GLN F 26 8.35 -20.36 7.45
CA GLN F 26 9.70 -20.70 7.93
C GLN F 26 10.49 -21.23 6.73
N LYS F 27 11.31 -20.38 6.13
CA LYS F 27 12.11 -20.71 4.96
C LYS F 27 13.58 -20.84 5.30
N ALA F 28 13.97 -20.73 6.57
CA ALA F 28 15.37 -20.77 6.95
C ALA F 28 15.53 -21.19 8.40
N SER F 29 16.77 -21.52 8.77
CA SER F 29 17.13 -21.99 10.10
C SER F 29 17.30 -20.85 11.10
N GLY F 30 16.67 -20.98 12.26
CA GLY F 30 16.86 -20.02 13.34
C GLY F 30 15.65 -19.91 14.24
N ASP F 31 15.89 -19.51 15.49
CA ASP F 31 14.80 -19.12 16.40
C ASP F 31 15.26 -17.98 17.29
N ASP F 32 15.65 -16.87 16.67
CA ASP F 32 15.68 -15.59 17.36
C ASP F 32 14.55 -14.66 16.88
N GLY F 33 13.77 -15.04 15.87
CA GLY F 33 12.72 -14.20 15.36
C GLY F 33 13.09 -13.33 14.18
N PHE F 34 14.36 -13.28 13.81
CA PHE F 34 14.82 -12.38 12.78
C PHE F 34 14.96 -13.06 11.42
N CYS F 35 14.63 -12.32 10.36
CA CYS F 35 14.91 -12.78 9.01
C CYS F 35 15.00 -11.63 8.03
N VAL F 36 15.73 -11.84 6.95
CA VAL F 36 15.69 -10.92 5.83
C VAL F 36 15.45 -11.71 4.56
N LYS F 37 14.51 -11.24 3.76
CA LYS F 37 14.29 -11.80 2.43
C LYS F 37 14.79 -10.81 1.36
N VAL F 38 15.42 -11.34 0.31
CA VAL F 38 15.83 -10.54 -0.83
C VAL F 38 15.47 -11.31 -2.09
N SER F 39 14.77 -10.64 -2.99
CA SER F 39 14.44 -11.22 -4.28
C SER F 39 14.39 -10.09 -5.28
N MET F 40 14.81 -10.37 -6.51
CA MET F 40 14.61 -9.42 -7.60
C MET F 40 13.17 -9.53 -8.10
N LYS F 41 12.50 -8.40 -8.22
CA LYS F 41 11.17 -8.40 -8.82
C LYS F 41 11.01 -7.21 -9.76
N ALA F 42 10.13 -7.37 -10.73
CA ALA F 42 9.72 -6.22 -11.53
C ALA F 42 8.79 -5.31 -10.75
N ILE F 43 9.01 -4.02 -10.87
CA ILE F 43 8.15 -3.01 -10.29
C ILE F 43 7.15 -2.58 -11.37
N GLY F 44 5.88 -2.64 -11.03
CA GLY F 44 4.81 -2.49 -12.01
C GLY F 44 4.24 -1.09 -12.03
N PHE F 45 3.50 -0.80 -13.08
CA PHE F 45 2.72 0.42 -13.21
C PHE F 45 1.48 0.38 -12.31
N ASN F 46 1.21 1.50 -11.63
CA ASN F 46 0.06 1.64 -10.75
C ASN F 46 -0.83 2.79 -11.22
N ALA F 47 -1.80 2.49 -12.10
CA ALA F 47 -2.67 3.52 -12.63
C ALA F 47 -3.41 4.26 -11.52
N ALA F 48 -3.79 3.56 -10.45
CA ALA F 48 -4.51 4.24 -9.39
C ALA F 48 -3.61 5.26 -8.68
N GLU F 49 -2.39 4.87 -8.36
CA GLU F 49 -1.50 5.78 -7.65
C GLU F 49 -1.15 6.96 -8.53
N ALA F 50 -0.94 6.70 -9.82
CA ALA F 50 -0.68 7.79 -10.74
C ALA F 50 -1.86 8.77 -10.77
N ALA F 51 -3.11 8.27 -10.85
CA ALA F 51 -4.27 9.15 -10.88
C ALA F 51 -4.35 9.99 -9.61
N SER F 52 -3.99 9.39 -8.46
CA SER F 52 -4.03 10.10 -7.18
C SER F 52 -2.98 11.20 -7.13
N VAL F 53 -1.74 10.87 -7.48
CA VAL F 53 -0.69 11.89 -7.48
C VAL F 53 -1.07 13.03 -8.43
N THR F 54 -1.66 12.71 -9.57
CA THR F 54 -2.03 13.73 -10.54
C THR F 54 -3.09 14.69 -10.00
N LYS F 55 -4.00 14.22 -9.13
CA LYS F 55 -5.02 15.11 -8.54
C LYS F 55 -4.57 15.84 -7.29
N ASN F 56 -3.69 15.24 -6.48
CA ASN F 56 -3.40 15.70 -5.13
C ASN F 56 -1.97 16.18 -4.90
N TYR F 57 -1.15 16.27 -5.95
CA TYR F 57 0.26 16.60 -5.74
C TYR F 57 0.43 17.93 -5.01
N GLY F 58 -0.52 18.83 -5.17
CA GLY F 58 -0.47 20.15 -4.55
C GLY F 58 -0.89 20.18 -3.09
N ILE F 59 -1.14 19.03 -2.47
CA ILE F 59 -1.47 18.96 -1.06
C ILE F 59 -0.22 18.50 -0.30
N LYS F 60 0.26 19.31 0.63
CA LYS F 60 1.36 18.93 1.51
C LYS F 60 0.84 17.96 2.57
N ARG F 61 1.52 16.83 2.74
CA ARG F 61 1.04 15.80 3.66
C ARG F 61 2.13 15.38 4.63
N PHE F 62 1.70 14.65 5.66
CA PHE F 62 2.56 13.97 6.63
C PHE F 62 3.27 14.94 7.56
N GLY F 63 2.93 16.22 7.54
CA GLY F 63 3.70 17.20 8.28
C GLY F 63 5.03 17.54 7.65
N ALA F 64 5.20 17.26 6.36
CA ALA F 64 6.42 17.60 5.65
C ALA F 64 6.63 19.11 5.75
CHC PEB G . -9.40 -3.16 -17.70
NC PEB G . -6.99 -3.57 -16.70
C1C PEB G . -6.35 -4.60 -15.92
C2C PEB G . -7.30 -5.64 -15.62
C3C PEB G . -8.55 -5.31 -16.25
C4C PEB G . -8.35 -4.02 -16.91
CMC PEB G . -9.87 -6.18 -16.20
CAC PEB G . -6.94 -6.97 -14.75
CBC PEB G . -6.98 -8.18 -15.80
CGC PEB G . -6.95 -9.53 -14.94
O1C PEB G . -7.63 -9.55 -13.82
O2C PEB G . -6.25 -10.57 -15.37
ND PEB G . -9.83 -5.07 -19.24
C1D PEB G . -9.57 -3.66 -19.10
C2D PEB G . -10.96 -2.95 -19.41
C3D PEB G . -11.81 -3.91 -19.99
C4D PEB G . -11.14 -5.23 -19.81
CMD PEB G . -11.11 -1.34 -19.42
CAD PEB G . -13.32 -3.73 -20.38
CBD PEB G . -13.92 -4.61 -21.32
OD PEB G . -11.68 -6.31 -20.06
NA PEB G . -1.71 0.95 -15.93
C1A PEB G . -1.00 2.27 -15.94
C2A PEB G . -1.10 2.93 -17.41
C3A PEB G . -1.89 1.91 -18.29
C4A PEB G . -2.29 0.71 -17.27
CMA PEB G . -1.75 4.43 -17.31
CBA PEB G . 0.31 0.79 -19.48
OA PEB G . -0.43 2.76 -14.94
CHA PEB G . -3.03 -0.43 -17.68
CAA PEB G . -1.23 1.25 -19.61
NB PEB G . -4.32 -2.49 -16.62
C1B PEB G . -3.09 -1.75 -16.80
C2B PEB G . -1.98 -2.38 -16.06
C3B PEB G . -2.52 -3.55 -15.43
C4B PEB G . -3.95 -3.60 -15.79
CHB PEB G . -4.85 -4.64 -15.35
CMB PEB G . -0.48 -1.84 -15.99
CAB PEB G . -1.78 -4.62 -14.48
CBB PEB G . -2.01 -4.19 -12.95
CGB PEB G . -3.54 -4.38 -12.48
O1B PEB G . -4.30 -3.33 -12.07
O2B PEB G . -4.06 -5.62 -12.48
HHC1 PEB G . -10.31 -3.21 -17.21
HHC2 PEB G . -9.08 -2.18 -17.73
HNC PEB G . -6.60 -2.74 -17.02
HMC1 PEB G . -10.03 -6.61 -17.11
HMC2 PEB G . -9.77 -6.91 -15.48
HMC3 PEB G . -10.66 -5.58 -15.96
HAC1 PEB G . -7.64 -7.12 -14.00
HAC2 PEB G . -6.00 -6.89 -14.33
HBC1 PEB G . -6.16 -8.13 -16.42
HBC2 PEB G . -7.83 -8.13 -16.37
HND PEB G . -9.25 -5.78 -19.00
H1D1 PEB G . -8.72 -3.44 -19.61
HMD1 PEB G . -11.77 -1.07 -20.17
HMD2 PEB G . -10.19 -0.91 -19.59
HMD3 PEB G . -11.47 -1.03 -18.52
HAD1 PEB G . -13.88 -2.98 -19.97
HBD1 PEB G . -13.36 -5.36 -21.74
HBD2 PEB G . -14.90 -4.50 -21.59
HNA PEB G . -1.79 0.37 -15.18
H2A1 PEB G . -0.18 3.07 -17.85
H3A1 PEB G . -2.65 2.48 -18.70
HMA1 PEB G . -1.46 4.97 -18.12
HMA2 PEB G . -1.43 4.88 -16.46
HMA3 PEB G . -2.76 4.35 -17.29
HBA1 PEB G . 0.39 -0.02 -18.84
HBA2 PEB G . 0.68 0.54 -20.42
HBA3 PEB G . 0.88 1.58 -19.10
HHA1 PEB G . -3.53 -0.40 -18.57
HAA2 PEB G . -1.78 0.42 -19.86
HHB1 PEB G . -4.54 -5.37 -14.70
HMB1 PEB G . -0.34 -1.13 -16.73
HMB2 PEB G . 0.17 -2.62 -16.15
HMB3 PEB G . -0.30 -1.42 -15.07
HAB1 PEB G . -2.16 -5.56 -14.64
HAB2 PEB G . -0.77 -4.63 -14.69
HBB1 PEB G . -1.77 -3.20 -12.85
HBB2 PEB G . -1.42 -4.75 -12.35
NB AX9 H . -10.54 10.34 8.47
ND AX9 H . -8.86 11.14 15.02
OD AX9 H . -8.45 11.70 17.24
C1A AX9 H . -8.04 11.82 3.68
C1B AX9 H . -10.38 10.43 7.12
C1C AX9 H . -11.75 10.66 11.33
C1D AX9 H . -8.23 10.26 14.06
C2A AX9 H . -7.22 10.69 3.60
C2B AX9 H . -11.49 11.01 6.58
C2C AX9 H . -12.42 10.79 12.53
C2D AX9 H . -7.05 9.72 14.84
C3A AX9 H . -7.57 9.86 4.64
C3B AX9 H . -12.31 11.32 7.60
C3C AX9 H . -11.62 10.30 13.52
C3D AX9 H . -7.08 10.17 16.08
C4A AX9 H . -8.59 10.48 5.34
C4B AX9 H . -11.73 10.87 8.78
C4C AX9 H . -10.41 9.86 12.95
C4D AX9 H . -8.18 11.07 16.23
CAA AX9 H . -6.97 8.51 5.00
CAB AX9 H . -13.67 11.97 7.51
CAC AX9 H . -13.82 11.38 12.71
CAD AX9 H . -5.96 9.97 17.09
CBA AX9 H . -7.35 7.50 3.93
CBB AX9 H . -13.63 13.47 7.24
CBC AX9 H . -14.84 10.27 12.90
CBD AX9 H . -5.39 11.29 17.58
CGB AX9 H . -12.65 14.18 8.14
CGC AX9 H . -16.25 10.83 13.04
CHA AX9 H . -9.15 9.92 6.42
CHB AX9 H . -12.31 11.04 10.14
CHC AX9 H . -9.20 9.24 13.64
CMA AX9 H . -6.15 10.34 2.58
CMB AX9 H . -11.74 11.26 5.10
CMC AX9 H . -12.05 10.31 14.97
CMD AX9 H . -6.18 8.58 14.41
NA AX9 H . -8.87 11.66 4.74
NC AX9 H . -10.53 10.10 11.60
O1B AX9 H . -11.57 14.53 7.65
O1C AX9 H . -16.60 11.83 12.37
O2B AX9 H . -12.90 14.40 9.37
O2C AX9 H . -17.06 10.28 13.83
OA AX9 H . -8.08 12.81 2.94
HNB AX9 H . -9.94 9.98 9.06
HND AX9 H . -9.60 11.65 14.85
H1D1 AX9 H . -7.99 10.62 13.18
HAA1 AX9 H . -5.99 8.59 5.05
HAA2 AX9 H . -7.32 8.22 5.86
HAB2 AX9 H . -14.17 11.53 6.79
HAB1 AX9 H . -14.14 11.83 8.36
HAC1 AX9 H . -14.05 11.91 11.92
HAC2 AX9 H . -13.82 11.96 13.51
HAD1 AX9 H . -5.23 9.46 16.67
HBA2 AX9 H . -8.22 7.00 4.33
HBA1 AX9 H . -7.74 8.12 3.13
HBB2 AX9 H . -14.52 13.85 7.38
HBB1 AX9 H . -13.35 13.62 6.31
HBC1 AX9 H . -14.82 9.69 12.12
HBC2 AX9 H . -14.61 9.76 13.70
HBD3 AX9 H . -4.89 11.73 16.86
HBD2 AX9 H . -6.11 11.88 17.88
HBD1 AX9 H . -4.77 11.12 18.33
HHA1 AX9 H . -8.74 9.11 6.77
HHB1 AX9 H . -13.18 11.48 10.20
HHC2 AX9 H . -8.76 8.63 13.01
HHC1 AX9 H . -9.50 8.74 14.42
HMA2 AX9 H . -6.47 9.62 2.00
HMA1 AX9 H . -5.34 10.06 3.05
HMA3 AX9 H . -5.95 11.13 2.04
HMB1 AX9 H . -11.18 10.67 4.57
HMB3 AX9 H . -12.68 11.10 4.89
HMB2 AX9 H . -11.52 12.19 4.90
HMC2 AX9 H . -12.86 9.76 15.08
HMC1 AX9 H . -11.33 9.94 15.53
HMC3 AX9 H . -12.25 11.23 15.25
HMD2 AX9 H . -5.25 8.90 14.32
HMD3 AX9 H . -6.49 8.23 13.55
HMD1 AX9 H . -6.22 7.87 15.08
HNA AX9 H . -9.52 12.25 4.99
CHC PEB I . -13.71 -12.79 11.60
NC PEB I . -11.76 -12.33 13.39
C1C PEB I . -10.82 -13.17 14.07
C2C PEB I . -11.03 -14.57 13.72
C3C PEB I . -12.12 -14.60 12.80
C4C PEB I . -12.55 -13.24 12.57
CMC PEB I . -12.65 -15.93 12.16
CAC PEB I . -10.19 -15.86 14.33
CBC PEB I . -8.68 -15.79 13.82
CGC PEB I . -8.71 -16.27 12.26
O1C PEB I . -8.02 -15.59 11.36
O2C PEB I . -9.41 -17.34 11.91
ND PEB I . -12.51 -13.79 9.73
C1D PEB I . -12.88 -12.52 10.36
C2D PEB I . -13.82 -11.82 9.30
C3D PEB I . -14.25 -12.83 8.47
C4D PEB I . -13.33 -13.96 8.56
CMD PEB I . -14.68 -10.52 9.64
CAD PEB I . -15.39 -12.64 7.45
CBD PEB I . -15.27 -13.18 6.16
OD PEB I . -13.28 -14.98 7.79
NA PEB I . -9.97 -6.69 18.06
C1A PEB I . -10.32 -5.40 18.74
C2A PEB I . -11.03 -4.40 17.73
C3A PEB I . -11.24 -5.30 16.49
C4A PEB I . -10.41 -6.64 16.67
CMA PEB I . -12.39 -3.72 18.29
CBA PEB I . -11.70 -3.41 14.77
OA PEB I . -10.14 -5.11 19.93
CHA PEB I . -10.59 -7.69 15.71
CAA PEB I . -10.68 -4.58 15.18
NB PEB I . -10.43 -10.29 15.10
C1B PEB I . -9.96 -9.17 15.89
C2B PEB I . -8.89 -9.62 16.83
C3B PEB I . -8.69 -10.99 16.59
C4B PEB I . -9.64 -11.43 15.58
CHB PEB I . -9.70 -12.77 15.13
CMB PEB I . -8.00 -8.84 17.91
CAB PEB I . -7.65 -11.90 17.36
CBB PEB I . -8.51 -12.35 18.62
CGB PEB I . -7.52 -13.26 19.46
O1B PEB I . -7.37 -14.55 19.13
O2B PEB I . -6.84 -12.69 20.43
HHC1 PEB I . -14.20 -11.94 11.95
HHC2 PEB I . -14.41 -13.55 11.44
HNC PEB I . -11.85 -11.37 13.46
HMC1 PEB I . -12.10 -16.14 11.32
HMC2 PEB I . -13.64 -15.82 11.91
HMC3 PEB I . -12.55 -16.69 12.84
HAC1 PEB I . -10.63 -16.74 14.01
HAC2 PEB I . -10.21 -15.83 15.35
HBC1 PEB I . -8.09 -16.43 14.37
HBC2 PEB I . -8.32 -14.83 13.88
HND PEB I . -11.84 -14.38 10.05
H1D1 PEB I . -12.10 -11.96 10.70
HMD1 PEB I . -14.69 -9.89 8.82
HMD2 PEB I . -14.25 -10.03 10.44
HMD3 PEB I . -15.63 -10.79 9.89
HAD1 PEB I . -16.25 -12.13 7.72
HBD1 PEB I . -16.01 -13.04 5.47
HBD2 PEB I . -14.41 -13.68 5.87
HNA PEB I . -9.53 -7.43 18.48
H2A1 PEB I . -10.46 -3.57 17.53
H3A1 PEB I . -12.25 -5.50 16.40
HMA1 PEB I . -12.15 -3.09 19.06
HMA2 PEB I . -13.01 -4.45 18.63
HMA3 PEB I . -12.84 -3.20 17.54
HBA1 PEB I . -11.73 -2.71 15.52
HBA2 PEB I . -11.38 -2.96 13.89
HBA3 PEB I . -12.65 -3.82 14.62
HHA1 PEB I . -11.14 -7.51 14.87
HAA2 PEB I . -10.61 -5.26 14.42
HHB1 PEB I . -9.04 -13.47 15.48
HMB1 PEB I . -8.43 -8.95 18.84
HMB2 PEB I . -7.98 -7.83 17.67
HMB3 PEB I . -7.05 -9.22 17.92
HAB1 PEB I . -6.83 -11.37 17.64
HAB2 PEB I . -7.37 -12.71 16.80
HBB1 PEB I . -9.33 -12.88 18.34
HBB2 PEB I . -8.80 -11.54 19.18
CHC PEB J . -16.46 7.51 -13.78
NC PEB J . -17.90 9.71 -13.17
C1C PEB J . -18.77 10.57 -13.95
C2C PEB J . -18.94 10.09 -15.29
C3C PEB J . -18.11 8.91 -15.42
C4C PEB J . -17.46 8.69 -14.11
CMC PEB J . -17.94 8.03 -16.72
CAC PEB J . -19.87 10.84 -16.43
CBC PEB J . -18.83 11.72 -17.28
CGC PEB J . -18.59 13.19 -16.64
O1C PEB J . -19.65 13.90 -16.28
O2C PEB J . -17.35 13.67 -16.49
ND PEB J . -18.19 5.87 -14.43
C1D PEB J . -17.32 6.34 -13.36
C2D PEB J . -16.28 5.16 -13.13
C3D PEB J . -16.81 4.03 -13.76
C4D PEB J . -17.92 4.46 -14.67
CMD PEB J . -14.92 5.40 -12.29
CAD PEB J . -16.07 2.66 -13.85
CBD PEB J . -14.66 2.70 -13.94
OD PEB J . -18.52 3.72 -15.51
NA PEB J . -18.29 14.10 -7.66
C1A PEB J . -17.96 14.78 -6.39
C2A PEB J . -17.89 13.68 -5.24
C3A PEB J . -18.13 12.27 -5.87
C4A PEB J . -18.45 12.64 -7.41
CMA PEB J . -16.40 13.73 -4.56
CBA PEB J . -19.04 9.87 -5.88
OA PEB J . -17.77 16.02 -6.27
CHA PEB J . -18.85 11.65 -8.37
CAA PEB J . -19.31 11.38 -5.34
NB PEB J . -19.00 11.39 -11.00
C1B PEB J . -19.33 12.14 -9.82
C2B PEB J . -20.19 13.31 -10.15
C3B PEB J . -20.32 13.31 -11.56
C4B PEB J . -19.61 12.13 -12.07
CHB PEB J . -19.58 11.86 -13.46
CMB PEB J . -20.85 14.42 -9.19
CAB PEB J . -21.16 14.33 -12.47
CBB PEB J . -22.58 13.59 -12.61
CGB PEB J . -23.22 14.04 -14.01
O1B PEB J . -22.43 14.28 -15.09
O2B PEB J . -24.53 14.17 -14.08
HHC1 PEB J . -15.82 7.78 -13.01
HHC2 PEB J . -15.90 7.26 -14.62
HNC PEB J . -17.64 9.81 -12.25
HMC1 PEB J . -17.41 7.18 -16.48
HMC2 PEB J . -17.42 8.57 -17.42
HMC3 PEB J . -18.85 7.78 -17.09
HAC1 PEB J . -20.58 11.45 -15.98
HAC2 PEB J . -20.35 10.16 -17.03
HBC1 PEB J . -19.20 11.84 -18.24
HBC2 PEB J . -17.93 11.23 -17.32
HND PEB J . -18.83 6.40 -14.90
H1D1 PEB J . -17.86 6.69 -12.56
HMD1 PEB J . -14.64 4.52 -11.82
HMD2 PEB J . -15.08 6.12 -11.57
HMD3 PEB J . -14.17 5.69 -12.93
HAD1 PEB J . -16.60 1.76 -13.84
HBD1 PEB J . -14.14 1.83 -14.01
HBD2 PEB J . -14.17 3.60 -13.97
HNA PEB J . -18.39 14.53 -8.51
H2A1 PEB J . -18.61 13.85 -4.54
H3A1 PEB J . -17.30 11.71 -5.66
HMA1 PEB J . -16.32 14.58 -4.00
HMA2 PEB J . -15.69 13.74 -5.28
HMA3 PEB J . -16.27 12.92 -3.96
HBA1 PEB J . -19.82 9.57 -6.49
HBA2 PEB J . -18.96 9.23 -5.06
HBA3 PEB J . -18.15 9.85 -6.42
HHA1 PEB J . -18.82 10.65 -8.13
HAA2 PEB J . -19.32 11.39 -4.32
HHB1 PEB J . -20.04 12.47 -14.13
HMB1 PEB J . -21.77 14.71 -9.57
HMB2 PEB J . -20.23 15.25 -9.14
HMB3 PEB J . -20.97 14.04 -8.25
HAB1 PEB J . -20.72 14.45 -13.39
HAB2 PEB J . -21.26 15.24 -12.01
HBB1 PEB J . -23.20 13.87 -11.84
HBB2 PEB J . -22.45 12.58 -12.59
CHC PEB K . 10.26 -14.68 8.82
NC PEB K . 7.88 -14.20 7.84
C1C PEB K . 7.26 -14.16 6.57
C2C PEB K . 8.24 -14.46 5.57
C3C PEB K . 9.48 -14.74 6.23
C4C PEB K . 9.22 -14.56 7.65
CMC PEB K . 10.79 -15.16 5.49
CAC PEB K . 7.86 -14.51 3.98
CBC PEB K . 7.89 -16.05 3.60
CGC PEB K . 7.86 -16.03 2.01
O1C PEB K . 8.75 -15.27 1.37
O2C PEB K . 6.95 -16.77 1.36
ND PEB K . 10.68 -17.02 8.35
C1D PEB K . 10.34 -16.03 9.35
C2D PEB K . 11.59 -15.95 10.32
C3D PEB K . 12.53 -16.85 9.85
C4D PEB K . 11.98 -17.58 8.66
CMD PEB K . 11.73 -14.91 11.53
CAD PEB K . 13.86 -17.21 10.59
CBD PEB K . 14.81 -18.02 9.90
OD PEB K . 12.56 -18.52 8.01
NA PEB K . 2.13 -11.37 10.80
C1A PEB K . 1.34 -10.67 11.86
C2A PEB K . 1.45 -11.42 13.27
C3A PEB K . 2.38 -12.64 13.06
C4A PEB K . 2.76 -12.51 11.49
CMA PEB K . 2.03 -10.41 14.41
CBA PEB K . 0.57 -14.44 12.49
OA PEB K . 0.71 -9.62 11.64
CHA PEB K . 3.59 -13.47 10.89
CAA PEB K . 1.90 -14.14 13.30
NB PEB K . 5.08 -13.63 8.69
C1B PEB K . 3.76 -13.47 9.30
C2B PEB K . 2.72 -13.30 8.30
C3B PEB K . 3.37 -13.38 7.03
C4B PEB K . 4.79 -13.60 7.26
CHB PEB K . 5.75 -13.75 6.18
CMB PEB K . 1.13 -13.11 8.46
CAB PEB K . 2.63 -13.33 5.62
CBB PEB K . 2.11 -14.73 5.06
CGB PEB K . 1.26 -14.29 3.75
O1B PEB K . 0.87 -15.21 2.87
O2B PEB K . 0.97 -12.98 3.55
HHC1 PEB K . 11.20 -14.40 8.48
HHC2 PEB K . 9.98 -14.04 9.60
HNC PEB K . 7.46 -14.02 8.69
HMC1 PEB K . 10.97 -16.15 5.67
HMC2 PEB K . 10.69 -15.00 4.49
HMC3 PEB K . 11.57 -14.61 5.86
HAC1 PEB K . 6.94 -14.11 3.81
HAC2 PEB K . 8.57 -14.00 3.44
HBC1 PEB K . 7.05 -16.52 3.97
HBC2 PEB K . 8.73 -16.51 3.95
HND PEB K . 10.15 -17.26 7.60
H1D1 PEB K . 9.41 -16.23 9.73
HMD1 PEB K . 12.29 -15.34 12.29
HMD2 PEB K . 10.79 -14.68 11.89
HMD3 PEB K . 12.19 -14.06 11.19
HAD1 PEB K . 14.03 -16.89 11.55
HBD1 PEB K . 14.62 -18.33 8.95
HBD2 PEB K . 15.69 -18.29 10.37
HNA PEB K . 2.22 -11.13 9.88
H2A1 PEB K . 0.52 -11.74 13.58
H3A1 PEB K . 3.10 -12.53 13.79
HMA1 PEB K . 2.14 -10.91 15.28
HMA2 PEB K . 1.40 -9.64 14.54
HMA3 PEB K . 2.94 -10.06 14.11
HBA1 PEB K . 0.77 -14.47 11.48
HBA2 PEB K . -0.13 -13.69 12.68
HBA3 PEB K . 0.17 -15.35 12.80
HHA1 PEB K . 4.07 -14.15 11.46
HAA2 PEB K . 2.64 -14.79 12.98
HHB1 PEB K . 5.47 -13.60 5.20
HMB1 PEB K . 0.86 -12.17 8.15
HMB2 PEB K . 0.87 -13.22 9.46
HMB3 PEB K . 0.64 -13.82 7.90
HAB1 PEB K . 1.81 -12.72 5.72
HAB2 PEB K . 3.28 -12.94 4.94
HBB1 PEB K . 1.52 -15.20 5.74
HBB2 PEB K . 2.90 -15.33 4.80
NB AX9 L . 8.35 14.01 3.41
ND AX9 L . 6.30 19.21 -0.07
OD AX9 L . 5.56 21.27 -0.87
C1A AX9 L . 5.82 10.69 7.27
C1B AX9 L . 8.22 13.02 4.35
C1C AX9 L . 9.39 16.54 1.94
C1D AX9 L . 5.91 17.88 -0.30
C2A AX9 L . 5.21 9.90 6.33
C2B AX9 L . 9.28 13.14 5.24
C2C AX9 L . 9.98 17.62 1.28
C2D AX9 L . 4.84 18.00 -1.37
C3A AX9 L . 5.65 10.31 5.12
C3B AX9 L . 10.01 14.22 4.87
C3C AX9 L . 9.19 17.94 0.22
C3D AX9 L . 4.58 19.29 -1.58
C4A AX9 L . 6.50 11.36 5.30
C4B AX9 L . 9.44 14.76 3.74
C4C AX9 L . 8.12 17.06 0.21
C4D AX9 L . 5.50 20.06 -0.81
CAA AX9 L . 5.21 9.69 3.79
CAB AX9 L . 11.25 14.71 5.56
CAC AX9 L . 11.27 18.35 1.66
CAD AX9 L . 3.84 19.85 -2.77
CBA AX9 L . 6.19 8.61 3.48
CBB AX9 L . 10.96 15.16 6.99
CBC AX9 L . 12.51 17.75 1.02
CBD AX9 L . 2.93 20.97 -2.30
CGB AX9 L . 9.92 16.26 6.93
CGC AX9 L . 13.75 18.64 1.15
CHA AX9 L . 7.12 11.98 4.26
CHB AX9 L . 9.94 15.98 3.02
CHC AX9 L . 7.01 17.08 -0.82
CMA AX9 L . 4.24 8.76 6.60
CMB AX9 L . 9.59 12.23 6.41
CMC AX9 L . 9.46 19.08 -0.77
CMD AX9 L . 4.02 16.84 -1.87
NA AX9 L . 6.62 11.59 6.61
NC AX9 L . 8.24 16.19 1.26
O1B AX9 L . 8.82 16.18 7.57
O1C AX9 L . 14.28 19.17 0.13
O2B AX9 L . 10.16 17.28 6.24
O2C AX9 L . 14.28 18.85 2.28
OA AX9 L . 5.64 10.63 8.48
HNB AX9 L . 7.80 14.14 2.70
HND AX9 L . 6.98 19.48 0.49
H1D1 AX9 L . 5.65 17.37 0.51
HAA1 AX9 L . 4.31 9.33 3.86
HAA2 AX9 L . 5.24 10.38 3.09
HAB2 AX9 L . 11.92 13.99 5.59
HAB1 AX9 L . 11.62 15.47 5.06
HAC1 AX9 L . 11.36 18.32 2.63
HAC2 AX9 L . 11.18 19.28 1.37
HAD1 AX9 L . 3.31 19.16 -3.19
HBA2 AX9 L . 6.85 8.46 4.33
HBA1 AX9 L . 6.78 8.89 2.61
HBB2 AX9 L . 11.77 15.50 7.41
HBB1 AX9 L . 10.61 14.41 7.51
HBC1 AX9 L . 12.68 16.90 1.45
HBC2 AX9 L . 12.33 17.60 0.07
HBD3 AX9 L . 2.36 20.65 -1.58
HBD2 AX9 L . 3.48 21.72 -1.97
HBD1 AX9 L . 2.38 21.28 -3.04
HHA1 AX9 L . 6.84 11.72 3.36
HHB1 AX9 L . 10.74 16.40 3.40
HHC2 AX9 L . 6.72 16.17 -1.00
HHC1 AX9 L . 7.34 17.48 -1.64
HMA2 AX9 L . 3.84 8.87 7.49
HMA1 AX9 L . 4.72 7.91 6.56
HMA3 AX9 L . 3.54 8.77 5.92
HMB1 AX9 L . 9.12 11.38 6.30
HMB3 AX9 L . 10.56 12.08 6.46
HMB2 AX9 L . 9.28 12.66 7.24
HMC2 AX9 L . 9.93 19.81 -0.31
HMC1 AX9 L . 10.02 18.75 -1.51
HMC3 AX9 L . 8.61 19.41 -1.12
HMD2 AX9 L . 3.08 17.13 -1.96
HMD3 AX9 L . 4.08 16.11 -1.24
HMD1 AX9 L . 4.36 16.56 -2.75
HNA AX9 L . 7.14 12.23 7.01
CHC PEB M . 14.68 3.14 -16.21
NC PEB M . 12.54 4.36 -17.29
C1C PEB M . 11.91 4.38 -18.58
C2C PEB M . 12.64 3.52 -19.51
C3C PEB M . 13.76 2.97 -18.78
C4C PEB M . 13.70 3.49 -17.42
CMC PEB M . 14.84 2.00 -19.39
CAC PEB M . 12.28 3.26 -21.11
CBC PEB M . 11.45 1.88 -21.20
CGC PEB M . 10.24 1.77 -20.11
O1C PEB M . 9.30 2.72 -19.95
O2C PEB M . 10.17 0.70 -19.34
ND PEB M . 13.87 0.73 -15.95
C1D PEB M . 13.96 2.07 -15.36
C2D PEB M . 14.94 1.80 -14.11
C3D PEB M . 15.36 0.47 -14.09
C4D PEB M . 14.68 -0.25 -15.23
CMD PEB M . 15.24 2.85 -12.97
CAD PEB M . 16.38 -0.14 -13.11
CBD PEB M . 16.63 -1.54 -13.09
OD PEB M . 14.81 -1.48 -15.49
NA PEB M . 9.48 11.28 -16.03
C1A PEB M . 9.62 12.62 -15.46
C2A PEB M . 10.30 12.53 -14.03
C3A PEB M . 10.73 11.04 -13.82
C4A PEB M . 10.10 10.31 -15.07
CMA PEB M . 11.56 13.50 -13.84
CBA PEB M . 11.18 10.58 -11.28
OA PEB M . 9.17 13.65 -16.00
CHA PEB M . 10.44 8.94 -15.29
CAA PEB M . 10.16 10.43 -12.47
NB PEB M . 10.83 6.89 -16.91
C1B PEB M . 10.04 8.08 -16.58
C2B PEB M . 8.96 8.26 -17.59
C3B PEB M . 9.08 7.18 -18.48
C4B PEB M . 10.22 6.34 -18.11
CHB PEB M . 10.57 5.19 -18.92
CMB PEB M . 7.77 9.33 -17.79
CAB PEB M . 8.17 6.93 -19.77
CBB PEB M . 9.05 7.74 -20.84
CGB PEB M . 8.50 7.30 -22.29
O1B PEB M . 9.32 7.27 -23.31
O2B PEB M . 7.23 6.95 -22.40
HHC1 PEB M . 15.57 2.77 -16.57
HHC2 PEB M . 14.86 3.99 -15.64
HNC PEB M . 12.25 4.83 -16.50
HMC1 PEB M . 15.52 2.53 -19.94
HMC2 PEB M . 15.32 1.49 -18.64
HMC3 PEB M . 14.36 1.32 -20.01
HAC1 PEB M . 11.72 4.04 -21.47
HAC2 PEB M . 13.15 3.18 -21.65
HBC1 PEB M . 11.03 1.82 -22.14
HBC2 PEB M . 12.10 1.09 -21.05
HND PEB M . 13.34 0.51 -16.72
H1D1 PEB M . 13.04 2.51 -15.24
HMD1 PEB M . 15.55 2.36 -12.12
HMD2 PEB M . 14.37 3.39 -12.76
HMD3 PEB M . 15.97 3.51 -13.28
HAD1 PEB M . 16.90 0.48 -12.46
HBD1 PEB M . 16.13 -2.16 -13.72
HBD2 PEB M . 17.33 -1.94 -12.42
HNA PEB M . 9.08 11.06 -16.86
H2A1 PEB M . 9.60 12.84 -13.35
H3A1 PEB M . 11.75 10.97 -13.77
HMA1 PEB M . 12.10 13.52 -14.70
HMA2 PEB M . 11.24 14.42 -13.60
HMA3 PEB M . 12.15 13.14 -13.09
HBA1 PEB M . 11.29 11.58 -11.04
HBA2 PEB M . 10.82 10.06 -10.45
HBA3 PEB M . 12.10 10.18 -11.55
HHA1 PEB M . 10.98 8.46 -14.56
HAA2 PEB M . 9.97 9.43 -12.62
HHB1 PEB M . 9.97 4.89 -19.70
HMB1 PEB M . 7.65 9.88 -16.93
HMB2 PEB M . 6.88 8.83 -17.99
HMB3 PEB M . 7.99 9.97 -18.57
HAB1 PEB M . 8.09 5.94 -20.00
HAB2 PEB M . 7.24 7.33 -19.66
HBB1 PEB M . 10.04 7.48 -20.75
HBB2 PEB M . 8.95 8.74 -20.71
CHC PEB N . 15.66 -5.03 15.30
NC PEB N . 16.94 -3.05 16.74
C1C PEB N . 17.76 -3.11 17.92
C2C PEB N . 17.88 -4.48 18.38
C3C PEB N . 17.11 -5.29 17.48
C4C PEB N . 16.52 -4.42 16.47
CMC PEB N . 16.96 -6.85 17.59
CAC PEB N . 18.67 -5.11 19.68
CBC PEB N . 17.55 -5.83 20.59
CGC PEB N . 16.78 -4.60 21.32
O1C PEB N . 15.49 -4.72 21.66
O2C PEB N . 17.52 -3.52 21.52
ND PEB N . 17.65 -6.26 14.30
C1D PEB N . 16.62 -5.23 14.12
C2D PEB N . 15.74 -5.80 12.93
C3D PEB N . 16.26 -7.00 12.50
C4D PEB N . 17.47 -7.32 13.32
CMD PEB N . 14.36 -5.14 12.43
CAD PEB N . 15.58 -7.91 11.50
CBD PEB N . 16.35 -8.87 10.78
OD PEB N . 18.18 -8.35 13.15
NA PEB N . 16.72 4.18 17.12
C1A PEB N . 16.21 5.58 16.86
C2A PEB N . 16.19 5.86 15.29
C3A PEB N . 16.45 4.45 14.63
C4A PEB N . 17.01 3.54 15.83
CMA PEB N . 14.81 6.57 14.87
CBA PEB N . 17.87 3.14 12.80
OA PEB N . 15.86 6.41 17.72
CHA PEB N . 17.26 2.14 15.62
CAA PEB N . 17.45 4.57 13.39
NB PEB N . 17.67 -0.19 16.91
C1B PEB N . 17.82 1.25 16.84
C2B PEB N . 18.60 1.73 17.97
C3B PEB N . 18.92 0.59 18.76
C4B PEB N . 18.33 -0.57 18.13
CHB PEB N . 18.48 -1.90 18.73
CMB PEB N . 19.07 3.25 18.30
CAB PEB N . 19.71 0.48 20.15
CBB PEB N . 21.26 0.54 19.89
CGB PEB N . 21.72 -0.79 19.15
O1B PEB N . 21.30 -1.98 19.59
O2B PEB N . 22.53 -0.66 18.11
HHC1 PEB N . 14.90 -4.38 15.04
HHC2 PEB N . 15.24 -5.95 15.59
HNC PEB N . 16.72 -2.27 16.23
HMC1 PEB N . 17.09 -7.27 16.68
HMC2 PEB N . 16.01 -7.08 17.93
HMC3 PEB N . 17.65 -7.21 18.25
HAC1 PEB N . 19.14 -4.37 20.21
HAC2 PEB N . 19.37 -5.80 19.38
HBC1 PEB N . 17.99 -6.44 21.29
HBC2 PEB N . 16.90 -6.38 20.02
HND PEB N . 18.33 -6.24 14.96
H1D1 PEB N . 17.03 -4.30 14.05
HMD1 PEB N . 14.06 -5.61 11.57
HMD2 PEB N . 14.52 -4.13 12.23
HMD3 PEB N . 13.66 -5.24 13.16
HAD1 PEB N . 14.56 -7.83 11.33
HBD1 PEB N . 15.91 -9.47 10.10
HBD2 PEB N . 17.38 -8.93 10.95
HNA PEB N . 16.84 3.79 17.98
H2A1 PEB N . 16.92 6.49 14.97
H3A1 PEB N . 15.58 4.02 14.25
HMA1 PEB N . 14.37 6.96 15.70
HMA2 PEB N . 14.20 5.88 14.45
HMA3 PEB N . 15.00 7.32 14.21
HBA1 PEB N . 18.49 2.65 13.47
HBA2 PEB N . 18.37 3.26 11.90
HBA3 PEB N . 17.02 2.56 12.64
HHA1 PEB N . 17.08 1.71 14.71
HAA2 PEB N . 16.99 5.11 12.65
HHB1 PEB N . 19.01 -2.05 19.59
HMB1 PEB N . 19.05 3.80 17.43
HMB2 PEB N . 20.03 3.24 18.67
HMB3 PEB N . 18.43 3.66 18.99
HAB1 PEB N . 19.47 -0.40 20.62
HAB2 PEB N . 19.43 1.27 20.76
HBB1 PEB N . 21.76 0.62 20.79
HBB2 PEB N . 21.48 1.35 19.31
CHC PEB O . -9.40 -3.16 -17.70
NC PEB O . -6.99 -3.57 -16.70
C1C PEB O . -6.35 -4.60 -15.92
C2C PEB O . -7.30 -5.64 -15.62
C3C PEB O . -8.55 -5.31 -16.25
C4C PEB O . -8.35 -4.02 -16.91
CMC PEB O . -9.87 -6.18 -16.20
CAC PEB O . -6.94 -6.97 -14.75
CBC PEB O . -6.98 -8.18 -15.80
CGC PEB O . -6.95 -9.53 -14.94
O1C PEB O . -7.63 -9.55 -13.82
O2C PEB O . -6.25 -10.57 -15.37
ND PEB O . -9.83 -5.07 -19.24
C1D PEB O . -9.57 -3.66 -19.10
C2D PEB O . -10.96 -2.95 -19.41
C3D PEB O . -11.81 -3.91 -19.99
C4D PEB O . -11.14 -5.23 -19.81
CMD PEB O . -11.11 -1.34 -19.42
CAD PEB O . -13.32 -3.73 -20.38
CBD PEB O . -13.92 -4.61 -21.32
OD PEB O . -11.68 -6.31 -20.06
NA PEB O . -1.71 0.95 -15.93
C1A PEB O . -1.00 2.27 -15.94
C2A PEB O . -1.10 2.93 -17.41
C3A PEB O . -1.89 1.91 -18.29
C4A PEB O . -2.29 0.71 -17.27
CMA PEB O . -1.75 4.43 -17.31
CBA PEB O . 0.31 0.79 -19.48
OA PEB O . -0.43 2.76 -14.94
CHA PEB O . -3.03 -0.43 -17.68
CAA PEB O . -1.23 1.25 -19.61
NB PEB O . -4.32 -2.49 -16.62
C1B PEB O . -3.09 -1.75 -16.80
C2B PEB O . -1.98 -2.38 -16.06
C3B PEB O . -2.52 -3.55 -15.43
C4B PEB O . -3.95 -3.60 -15.79
CHB PEB O . -4.85 -4.64 -15.35
CMB PEB O . -0.48 -1.84 -15.99
CAB PEB O . -1.78 -4.62 -14.48
CBB PEB O . -2.01 -4.19 -12.95
CGB PEB O . -3.54 -4.38 -12.48
O1B PEB O . -4.30 -3.33 -12.07
O2B PEB O . -4.06 -5.62 -12.48
HHC1 PEB O . -10.31 -3.21 -17.21
HHC2 PEB O . -9.08 -2.18 -17.73
HNC PEB O . -6.60 -2.74 -17.02
HMC1 PEB O . -10.03 -6.61 -17.11
HMC2 PEB O . -9.77 -6.91 -15.48
HMC3 PEB O . -10.66 -5.58 -15.96
HAC1 PEB O . -7.64 -7.12 -14.00
HAC2 PEB O . -6.00 -6.89 -14.33
HBC1 PEB O . -6.16 -8.13 -16.42
HBC2 PEB O . -7.83 -8.13 -16.37
HND PEB O . -9.25 -5.78 -19.00
H1D1 PEB O . -8.72 -3.44 -19.61
HMD1 PEB O . -11.77 -1.07 -20.17
HMD2 PEB O . -10.19 -0.91 -19.59
HMD3 PEB O . -11.47 -1.03 -18.52
HAD1 PEB O . -13.88 -2.98 -19.97
HBD1 PEB O . -13.36 -5.36 -21.74
HBD2 PEB O . -14.90 -4.50 -21.59
HNA PEB O . -1.79 0.37 -15.18
H2A1 PEB O . -0.18 3.07 -17.85
H3A1 PEB O . -2.65 2.48 -18.70
HMA1 PEB O . -1.46 4.97 -18.12
HMA2 PEB O . -1.43 4.88 -16.46
HMA3 PEB O . -2.76 4.35 -17.29
HBA1 PEB O . 0.39 -0.02 -18.84
HBA2 PEB O . 0.68 0.54 -20.42
HBA3 PEB O . 0.88 1.58 -19.10
HHA1 PEB O . -3.53 -0.40 -18.57
HAA2 PEB O . -1.78 0.42 -19.86
HHB1 PEB O . -4.54 -5.37 -14.70
HMB1 PEB O . -0.34 -1.13 -16.73
HMB2 PEB O . 0.17 -2.62 -16.15
HMB3 PEB O . -0.30 -1.42 -15.07
HAB1 PEB O . -2.16 -5.56 -14.64
HAB2 PEB O . -0.77 -4.63 -14.69
HBB1 PEB O . -1.77 -3.20 -12.85
HBB2 PEB O . -1.42 -4.75 -12.35
CHC PEB P . 10.26 -14.68 8.82
NC PEB P . 7.88 -14.20 7.84
C1C PEB P . 7.26 -14.16 6.57
C2C PEB P . 8.24 -14.46 5.57
C3C PEB P . 9.48 -14.74 6.23
C4C PEB P . 9.22 -14.56 7.65
CMC PEB P . 10.79 -15.16 5.49
CAC PEB P . 7.86 -14.51 3.98
CBC PEB P . 7.89 -16.05 3.60
CGC PEB P . 7.86 -16.03 2.01
O1C PEB P . 8.75 -15.27 1.37
O2C PEB P . 6.95 -16.77 1.36
ND PEB P . 10.68 -17.02 8.35
C1D PEB P . 10.34 -16.03 9.35
C2D PEB P . 11.59 -15.95 10.32
C3D PEB P . 12.53 -16.85 9.85
C4D PEB P . 11.98 -17.58 8.66
CMD PEB P . 11.73 -14.91 11.53
CAD PEB P . 13.86 -17.21 10.59
CBD PEB P . 14.81 -18.02 9.90
OD PEB P . 12.56 -18.52 8.01
NA PEB P . 2.13 -11.37 10.80
C1A PEB P . 1.34 -10.67 11.86
C2A PEB P . 1.45 -11.42 13.27
C3A PEB P . 2.38 -12.64 13.06
C4A PEB P . 2.76 -12.51 11.49
CMA PEB P . 2.03 -10.41 14.41
CBA PEB P . 0.57 -14.44 12.49
OA PEB P . 0.71 -9.62 11.64
CHA PEB P . 3.59 -13.47 10.89
CAA PEB P . 1.90 -14.14 13.30
NB PEB P . 5.08 -13.63 8.69
C1B PEB P . 3.76 -13.47 9.30
C2B PEB P . 2.72 -13.30 8.30
C3B PEB P . 3.37 -13.38 7.03
C4B PEB P . 4.79 -13.60 7.26
CHB PEB P . 5.75 -13.75 6.18
CMB PEB P . 1.13 -13.11 8.46
CAB PEB P . 2.63 -13.33 5.62
CBB PEB P . 2.11 -14.73 5.06
CGB PEB P . 1.26 -14.29 3.75
O1B PEB P . 0.87 -15.21 2.87
O2B PEB P . 0.97 -12.98 3.55
HHC1 PEB P . 11.20 -14.40 8.48
HHC2 PEB P . 9.98 -14.04 9.60
HNC PEB P . 7.46 -14.02 8.69
HMC1 PEB P . 10.97 -16.15 5.67
HMC2 PEB P . 10.69 -15.00 4.49
HMC3 PEB P . 11.57 -14.61 5.86
HAC1 PEB P . 6.94 -14.11 3.81
HAC2 PEB P . 8.57 -14.00 3.44
HBC1 PEB P . 7.05 -16.52 3.97
HBC2 PEB P . 8.73 -16.51 3.95
HND PEB P . 10.15 -17.26 7.60
H1D1 PEB P . 9.41 -16.23 9.73
HMD1 PEB P . 12.29 -15.34 12.29
HMD2 PEB P . 10.79 -14.68 11.89
HMD3 PEB P . 12.19 -14.06 11.19
HAD1 PEB P . 14.03 -16.89 11.55
HBD1 PEB P . 14.62 -18.33 8.95
HBD2 PEB P . 15.69 -18.29 10.37
HNA PEB P . 2.22 -11.13 9.88
H2A1 PEB P . 0.52 -11.74 13.58
H3A1 PEB P . 3.10 -12.53 13.79
HMA1 PEB P . 2.14 -10.91 15.28
HMA2 PEB P . 1.40 -9.64 14.54
HMA3 PEB P . 2.94 -10.06 14.11
HBA1 PEB P . 0.77 -14.47 11.48
HBA2 PEB P . -0.13 -13.69 12.68
HBA3 PEB P . 0.17 -15.35 12.80
HHA1 PEB P . 4.07 -14.15 11.46
HAA2 PEB P . 2.64 -14.79 12.98
HHB1 PEB P . 5.47 -13.60 5.20
HMB1 PEB P . 0.86 -12.17 8.15
HMB2 PEB P . 0.87 -13.22 9.46
HMB3 PEB P . 0.64 -13.82 7.90
HAB1 PEB P . 1.81 -12.72 5.72
HAB2 PEB P . 3.28 -12.94 4.94
HBB1 PEB P . 1.52 -15.20 5.74
HBB2 PEB P . 2.90 -15.33 4.80
#